data_6M9R
#
_entry.id   6M9R
#
_cell.length_a   57.950
_cell.length_b   107.730
_cell.length_c   150.540
_cell.angle_alpha   90.00
_cell.angle_beta   90.00
_cell.angle_gamma   90.00
#
_symmetry.space_group_name_H-M   'P 21 21 21'
#
loop_
_entity.id
_entity.type
_entity.pdbx_description
1 polymer SznF
2 non-polymer (2S)-2-amino-5-{[(E)-amino(methylamino)methylidene](hydroxy)azaniumyl}pentanoate
3 non-polymer 'FE (III) ION'
4 water water
#
_entity_poly.entity_id   1
_entity_poly.type   'polypeptide(L)'
_entity_poly.pdbx_seq_one_letter_code
;MSHVPPHVPFELSGAELRDAIVQYATNPIYHDNLDWLNHDNPYRRQLRPQVLPHLDYDKVPGRENILNYASLAVQRLLTS
VYEADLVFFPKSGLKGKEEDFRAFYSPANRALGERIRPALERYAFGFLDDEVETSGTWTAQSLDAYLDSLDTAGGAEQSP
VEKAILGSADRERAARMWLVQFAPDFLSEASPMMRNVLGYYGPAQSEWFKVVIDEYGYGVHDTKHSTLFERTLESVGLES
DLHRYWQYYLNSSLLLNNYFHYLGKNHELFFRYVGALYYTESSLVDFCRRADHLLREVFGDTVDTTYFTEHIHIDQHHGR
MAREKIIKPLVEAHGDGIIPEIVRGIEEYRVLLEIGDFDFSEQIAWMDAQPELKKLHDPVFEGLKQGKVDAPVAHLVEPR
GELSNTHCHDGDELCHIVSGTMRFESGLGSSLTLQAGEGVVIKRNRLHGANIESDECVYEIHSVGDYRKCL
;
_entity_poly.pdbx_strand_id   A,B
#
loop_
_chem_comp.id
_chem_comp.type
_chem_comp.name
_chem_comp.formula
FE non-polymer 'FE (III) ION' 'Fe 3'
#
# COMPACT_ATOMS: atom_id res chain seq x y z
N VAL A 4 4.50 -20.46 22.23
CA VAL A 4 3.81 -19.63 21.20
C VAL A 4 2.29 -19.76 21.36
N PRO A 5 1.60 -18.64 21.62
CA PRO A 5 0.15 -18.75 21.73
C PRO A 5 -0.46 -19.27 20.42
N PRO A 6 -1.61 -19.97 20.51
CA PRO A 6 -2.34 -20.38 19.30
C PRO A 6 -2.70 -19.20 18.40
N HIS A 7 -2.71 -19.43 17.09
CA HIS A 7 -3.10 -18.40 16.12
C HIS A 7 -4.63 -18.41 15.98
N VAL A 8 -5.26 -17.28 16.31
CA VAL A 8 -6.70 -17.09 16.07
C VAL A 8 -6.84 -16.55 14.63
N PRO A 9 -7.43 -17.32 13.72
CA PRO A 9 -7.54 -16.80 12.35
C PRO A 9 -8.34 -15.50 12.25
N PHE A 10 -7.94 -14.64 11.32
CA PHE A 10 -8.69 -13.42 11.04
C PHE A 10 -10.13 -13.79 10.70
N GLU A 11 -11.07 -13.08 11.33
CA GLU A 11 -12.50 -13.33 11.11
C GLU A 11 -13.26 -12.02 11.34
N LEU A 12 -14.13 -11.68 10.39
CA LEU A 12 -14.98 -10.50 10.50
C LEU A 12 -16.22 -10.71 9.63
N SER A 13 -17.38 -10.84 10.27
CA SER A 13 -18.62 -11.15 9.58
C SER A 13 -19.83 -10.64 10.36
N GLY A 14 -21.01 -10.81 9.80
CA GLY A 14 -22.27 -10.51 10.48
C GLY A 14 -22.36 -9.07 10.95
N ALA A 15 -22.90 -8.88 12.15
CA ALA A 15 -23.12 -7.55 12.72
C ALA A 15 -21.80 -6.82 12.95
N GLU A 16 -20.77 -7.54 13.38
CA GLU A 16 -19.45 -6.94 13.60
C GLU A 16 -18.90 -6.35 12.29
N LEU A 17 -19.08 -7.08 11.19
CA LEU A 17 -18.64 -6.59 9.87
C LEU A 17 -19.46 -5.36 9.45
N ARG A 18 -20.79 -5.44 9.58
N ARG A 18 -20.79 -5.44 9.58
CA ARG A 18 -21.65 -4.30 9.28
CA ARG A 18 -21.66 -4.30 9.28
C ARG A 18 -21.22 -3.06 10.07
C ARG A 18 -21.23 -3.06 10.08
N ASP A 19 -20.98 -3.24 11.37
CA ASP A 19 -20.56 -2.12 12.22
C ASP A 19 -19.20 -1.54 11.77
N ALA A 20 -18.28 -2.41 11.36
CA ALA A 20 -16.95 -1.97 10.91
C ALA A 20 -17.02 -1.21 9.59
N ILE A 21 -17.89 -1.65 8.69
CA ILE A 21 -18.12 -0.94 7.43
C ILE A 21 -18.72 0.44 7.69
N VAL A 22 -19.74 0.51 8.55
CA VAL A 22 -20.35 1.78 8.94
C VAL A 22 -19.32 2.70 9.61
N GLN A 23 -18.47 2.13 10.45
CA GLN A 23 -17.42 2.87 11.15
C GLN A 23 -16.49 3.57 10.15
N TYR A 24 -16.02 2.83 9.17
CA TYR A 24 -15.18 3.41 8.12
C TYR A 24 -15.91 4.54 7.40
N ALA A 25 -17.15 4.28 6.99
CA ALA A 25 -17.85 5.14 6.04
C ALA A 25 -18.52 6.36 6.67
N THR A 26 -18.54 6.45 8.00
CA THR A 26 -19.14 7.60 8.68
C THR A 26 -18.16 8.75 8.97
N ASN A 27 -16.90 8.59 8.57
CA ASN A 27 -15.97 9.71 8.46
C ASN A 27 -16.68 10.84 7.70
N PRO A 28 -16.69 12.08 8.23
CA PRO A 28 -17.46 13.15 7.60
C PRO A 28 -17.21 13.41 6.11
N ILE A 29 -16.00 13.12 5.64
CA ILE A 29 -15.66 13.30 4.22
C ILE A 29 -16.47 12.39 3.27
N TYR A 30 -17.15 11.39 3.82
CA TYR A 30 -17.95 10.45 3.01
C TYR A 30 -19.46 10.70 3.03
N HIS A 31 -19.89 11.71 3.77
CA HIS A 31 -21.32 12.02 3.87
C HIS A 31 -21.87 12.60 2.55
N ASP A 32 -23.20 12.59 2.41
CA ASP A 32 -23.84 13.05 1.18
C ASP A 32 -23.43 14.48 0.84
N ASN A 33 -23.16 14.71 -0.44
CA ASN A 33 -22.87 16.02 -0.99
C ASN A 33 -24.18 16.80 -1.14
N LEU A 34 -24.13 18.10 -0.88
CA LEU A 34 -25.26 19.00 -1.12
C LEU A 34 -25.37 19.45 -2.58
N ASP A 35 -24.35 19.12 -3.39
CA ASP A 35 -24.36 19.36 -4.83
C ASP A 35 -24.14 18.05 -5.58
N TRP A 36 -24.25 18.14 -6.90
CA TRP A 36 -24.08 17.00 -7.81
C TRP A 36 -22.62 16.66 -8.07
N LEU A 37 -21.74 17.64 -7.84
CA LEU A 37 -20.33 17.54 -8.19
C LEU A 37 -19.43 17.83 -6.99
N ASN A 38 -18.28 17.16 -6.95
CA ASN A 38 -17.22 17.55 -6.03
C ASN A 38 -16.39 18.67 -6.64
N HIS A 39 -16.24 19.78 -5.92
CA HIS A 39 -15.60 20.97 -6.46
C HIS A 39 -14.14 21.04 -6.05
N ASP A 40 -13.30 20.41 -6.87
CA ASP A 40 -11.86 20.33 -6.66
C ASP A 40 -11.51 19.95 -5.21
N ASN A 41 -12.07 18.83 -4.77
CA ASN A 41 -11.74 18.27 -3.49
C ASN A 41 -11.61 16.76 -3.65
N PRO A 42 -10.37 16.26 -3.76
CA PRO A 42 -10.15 14.84 -4.04
C PRO A 42 -10.33 13.95 -2.81
N TYR A 43 -10.64 14.55 -1.65
CA TYR A 43 -10.75 13.82 -0.39
C TYR A 43 -12.18 13.46 -0.04
N ARG A 44 -13.15 14.02 -0.76
CA ARG A 44 -14.56 13.76 -0.48
C ARG A 44 -15.14 12.81 -1.53
N ARG A 45 -15.66 11.69 -1.04
CA ARG A 45 -16.26 10.64 -1.87
C ARG A 45 -17.55 10.21 -1.21
N GLN A 46 -18.64 10.17 -1.97
CA GLN A 46 -19.96 9.93 -1.39
C GLN A 46 -20.26 8.43 -1.28
N LEU A 47 -20.31 7.94 -0.05
CA LEU A 47 -20.51 6.53 0.25
C LEU A 47 -21.89 6.21 0.82
N ARG A 48 -22.76 7.21 0.93
CA ARG A 48 -24.13 7.05 1.44
C ARG A 48 -24.16 6.17 2.69
N PRO A 49 -23.40 6.57 3.71
CA PRO A 49 -23.25 5.74 4.89
C PRO A 49 -24.56 5.42 5.61
N GLN A 50 -25.56 6.28 5.48
CA GLN A 50 -26.86 6.03 6.10
C GLN A 50 -27.55 4.73 5.65
N VAL A 51 -27.21 4.24 4.46
CA VAL A 51 -27.80 2.99 3.93
C VAL A 51 -27.00 1.76 4.35
N LEU A 52 -25.72 1.94 4.70
CA LEU A 52 -24.83 0.81 4.92
C LEU A 52 -25.20 -0.14 6.07
N PRO A 53 -25.86 0.35 7.14
CA PRO A 53 -26.29 -0.58 8.20
C PRO A 53 -27.31 -1.65 7.73
N HIS A 54 -27.98 -1.41 6.61
CA HIS A 54 -29.10 -2.23 6.17
C HIS A 54 -28.80 -3.21 5.03
N LEU A 55 -27.52 -3.33 4.65
CA LEU A 55 -27.10 -4.25 3.58
C LEU A 55 -26.51 -5.53 4.17
N ASP A 56 -26.65 -6.65 3.48
CA ASP A 56 -26.11 -7.95 3.93
C ASP A 56 -24.80 -8.27 3.22
N TYR A 57 -23.68 -8.01 3.89
CA TYR A 57 -22.37 -8.20 3.26
C TYR A 57 -21.90 -9.67 3.26
N ASP A 58 -22.60 -10.52 4.01
CA ASP A 58 -22.24 -11.94 4.10
C ASP A 58 -22.74 -12.76 2.90
N LYS A 59 -23.82 -12.31 2.27
CA LYS A 59 -24.38 -13.01 1.11
C LYS A 59 -23.80 -12.46 -0.18
N VAL A 60 -22.80 -13.14 -0.71
CA VAL A 60 -22.04 -12.69 -1.88
C VAL A 60 -22.90 -12.88 -3.14
N PRO A 61 -23.06 -11.82 -3.95
CA PRO A 61 -23.92 -11.91 -5.14
C PRO A 61 -23.26 -12.65 -6.30
N GLY A 62 -24.09 -13.30 -7.11
CA GLY A 62 -23.66 -13.83 -8.39
C GLY A 62 -23.81 -12.78 -9.47
N ARG A 63 -23.40 -13.11 -10.68
CA ARG A 63 -23.35 -12.14 -11.77
C ARG A 63 -24.70 -11.49 -12.09
N GLU A 64 -25.78 -12.26 -11.98
CA GLU A 64 -27.12 -11.71 -12.25
C GLU A 64 -27.49 -10.54 -11.32
N ASN A 65 -26.85 -10.47 -10.14
CA ASN A 65 -27.14 -9.43 -9.15
C ASN A 65 -26.00 -8.42 -8.89
N ILE A 66 -24.95 -8.43 -9.70
CA ILE A 66 -23.81 -7.55 -9.40
C ILE A 66 -24.02 -6.09 -9.79
N LEU A 67 -25.15 -5.76 -10.43
CA LEU A 67 -25.50 -4.35 -10.60
C LEU A 67 -26.56 -3.88 -9.59
N ASN A 68 -26.86 -4.72 -8.59
CA ASN A 68 -27.73 -4.30 -7.48
C ASN A 68 -27.05 -3.26 -6.61
N TYR A 69 -27.85 -2.56 -5.80
CA TYR A 69 -27.33 -1.42 -5.06
C TYR A 69 -26.19 -1.79 -4.10
N ALA A 70 -26.34 -2.89 -3.38
CA ALA A 70 -25.27 -3.28 -2.45
C ALA A 70 -23.92 -3.40 -3.15
N SER A 71 -23.94 -3.89 -4.39
CA SER A 71 -22.72 -3.98 -5.20
C SER A 71 -22.17 -2.60 -5.56
N LEU A 72 -23.04 -1.67 -5.93
CA LEU A 72 -22.59 -0.28 -6.19
C LEU A 72 -21.99 0.32 -4.91
N ALA A 73 -22.65 0.10 -3.78
CA ALA A 73 -22.18 0.64 -2.49
C ALA A 73 -20.79 0.10 -2.16
N VAL A 74 -20.58 -1.18 -2.40
CA VAL A 74 -19.32 -1.84 -2.10
C VAL A 74 -18.22 -1.36 -3.06
N GLN A 75 -18.56 -1.14 -4.33
CA GLN A 75 -17.58 -0.63 -5.30
C GLN A 75 -17.11 0.76 -4.90
N ARG A 76 -18.05 1.60 -4.44
CA ARG A 76 -17.70 2.94 -3.95
C ARG A 76 -16.77 2.86 -2.73
N LEU A 77 -17.12 2.02 -1.78
CA LEU A 77 -16.28 1.77 -0.60
C LEU A 77 -14.88 1.33 -1.01
N LEU A 78 -14.80 0.35 -1.90
CA LEU A 78 -13.50 -0.20 -2.31
C LEU A 78 -12.63 0.83 -3.00
N THR A 79 -13.21 1.63 -3.89
CA THR A 79 -12.45 2.68 -4.56
C THR A 79 -11.81 3.60 -3.51
N SER A 80 -12.59 3.99 -2.51
N SER A 80 -12.58 3.99 -2.52
CA SER A 80 -12.09 4.88 -1.45
CA SER A 80 -12.09 4.89 -1.46
C SER A 80 -10.98 4.22 -0.63
C SER A 80 -10.99 4.23 -0.62
N VAL A 81 -11.14 2.94 -0.32
CA VAL A 81 -10.13 2.18 0.43
C VAL A 81 -8.81 2.07 -0.36
N TYR A 82 -8.89 1.69 -1.62
CA TYR A 82 -7.69 1.58 -2.45
C TYR A 82 -6.98 2.92 -2.62
N GLU A 83 -7.77 3.98 -2.76
CA GLU A 83 -7.20 5.29 -3.08
C GLU A 83 -6.50 5.96 -1.90
N ALA A 84 -6.67 5.45 -0.68
CA ALA A 84 -5.88 5.99 0.44
C ALA A 84 -4.38 5.79 0.21
N ASP A 85 -4.00 4.85 -0.64
CA ASP A 85 -2.60 4.61 -1.03
C ASP A 85 -2.08 5.53 -2.14
N LEU A 86 -2.98 6.29 -2.75
CA LEU A 86 -2.60 7.18 -3.85
C LEU A 86 -2.48 8.60 -3.33
N VAL A 87 -1.52 9.36 -3.86
CA VAL A 87 -1.35 10.78 -3.53
C VAL A 87 -2.25 11.66 -4.42
N PHE A 88 -3.09 12.47 -3.78
CA PHE A 88 -3.88 13.49 -4.48
C PHE A 88 -3.70 14.82 -3.79
N PHE A 89 -3.57 15.89 -4.58
CA PHE A 89 -3.75 17.25 -4.12
C PHE A 89 -4.77 17.94 -5.01
N PRO A 90 -5.51 18.92 -4.46
CA PRO A 90 -6.46 19.67 -5.29
C PRO A 90 -5.73 20.43 -6.38
N LYS A 91 -6.38 20.64 -7.52
CA LYS A 91 -5.81 21.47 -8.59
C LYS A 91 -5.44 22.86 -8.10
N SER A 92 -6.28 23.40 -7.22
CA SER A 92 -6.07 24.76 -6.68
C SER A 92 -5.13 24.79 -5.48
N GLY A 93 -4.51 23.67 -5.16
CA GLY A 93 -3.61 23.56 -4.02
C GLY A 93 -4.31 23.14 -2.74
N LEU A 94 -3.51 22.81 -1.73
CA LEU A 94 -4.01 22.26 -0.49
C LEU A 94 -4.61 23.34 0.41
N LYS A 95 -4.28 24.60 0.17
CA LYS A 95 -4.75 25.70 1.02
C LYS A 95 -6.26 25.67 1.18
N GLY A 96 -6.70 25.63 2.44
CA GLY A 96 -8.12 25.57 2.76
C GLY A 96 -8.76 24.20 2.70
N LYS A 97 -7.99 23.15 2.37
CA LYS A 97 -8.50 21.78 2.32
C LYS A 97 -7.68 20.82 3.21
N GLU A 98 -6.93 21.39 4.14
CA GLU A 98 -6.04 20.60 5.02
C GLU A 98 -6.79 19.64 5.93
N GLU A 99 -7.96 20.04 6.43
CA GLU A 99 -8.72 19.16 7.33
C GLU A 99 -9.18 17.90 6.60
N ASP A 100 -9.68 18.06 5.38
CA ASP A 100 -10.14 16.91 4.59
C ASP A 100 -8.96 15.99 4.19
N PHE A 101 -7.84 16.61 3.82
CA PHE A 101 -6.56 15.91 3.56
C PHE A 101 -6.19 15.01 4.74
N ARG A 102 -6.22 15.57 5.95
CA ARG A 102 -5.89 14.80 7.15
C ARG A 102 -6.96 13.78 7.53
N ALA A 103 -8.22 14.01 7.13
CA ALA A 103 -9.29 13.03 7.38
C ALA A 103 -9.18 11.78 6.49
N PHE A 104 -8.68 11.97 5.28
CA PHE A 104 -8.50 10.87 4.32
C PHE A 104 -7.17 10.15 4.59
N TYR A 105 -6.09 10.90 4.69
CA TYR A 105 -4.79 10.32 5.02
C TYR A 105 -4.57 10.37 6.52
N SER A 106 -5.19 9.44 7.23
CA SER A 106 -5.01 9.30 8.68
C SER A 106 -4.81 7.84 9.00
N PRO A 107 -4.13 7.56 10.13
CA PRO A 107 -3.99 6.17 10.57
C PRO A 107 -5.34 5.46 10.72
N ALA A 108 -6.33 6.18 11.25
CA ALA A 108 -7.65 5.64 11.45
C ALA A 108 -8.36 5.31 10.15
N ASN A 109 -8.36 6.23 9.19
CA ASN A 109 -9.09 5.99 7.95
C ASN A 109 -8.49 4.79 7.21
N ARG A 110 -7.16 4.69 7.21
CA ARG A 110 -6.47 3.55 6.59
C ARG A 110 -6.79 2.23 7.31
N ALA A 111 -6.69 2.21 8.63
CA ALA A 111 -6.89 0.99 9.40
C ALA A 111 -8.33 0.49 9.30
N LEU A 112 -9.29 1.42 9.35
CA LEU A 112 -10.70 1.05 9.26
C LEU A 112 -11.01 0.46 7.88
N GLY A 113 -10.47 1.07 6.83
CA GLY A 113 -10.67 0.57 5.48
C GLY A 113 -9.98 -0.77 5.23
N GLU A 114 -8.76 -0.91 5.74
CA GLU A 114 -8.01 -2.15 5.53
C GLU A 114 -8.63 -3.33 6.28
N ARG A 115 -9.27 -3.07 7.42
CA ARG A 115 -9.89 -4.15 8.18
C ARG A 115 -11.05 -4.79 7.40
N ILE A 116 -11.82 -3.97 6.67
CA ILE A 116 -12.98 -4.43 5.91
C ILE A 116 -12.65 -4.83 4.46
N ARG A 117 -11.42 -4.59 4.02
CA ARG A 117 -11.05 -4.85 2.64
C ARG A 117 -11.25 -6.32 2.22
N PRO A 118 -10.83 -7.29 3.06
CA PRO A 118 -11.11 -8.68 2.66
C PRO A 118 -12.59 -8.99 2.34
N ALA A 119 -13.50 -8.56 3.21
CA ALA A 119 -14.93 -8.81 3.02
C ALA A 119 -15.48 -8.07 1.81
N LEU A 120 -15.02 -6.83 1.61
CA LEU A 120 -15.43 -6.05 0.46
C LEU A 120 -14.98 -6.71 -0.84
N GLU A 121 -13.77 -7.24 -0.85
CA GLU A 121 -13.25 -7.92 -2.04
C GLU A 121 -13.99 -9.22 -2.35
N ARG A 122 -14.37 -9.98 -1.32
CA ARG A 122 -15.22 -11.16 -1.55
C ARG A 122 -16.56 -10.76 -2.16
N TYR A 123 -17.15 -9.69 -1.62
CA TYR A 123 -18.45 -9.21 -2.12
C TYR A 123 -18.36 -8.71 -3.57
N ALA A 124 -17.29 -8.00 -3.87
CA ALA A 124 -17.08 -7.38 -5.19
C ALA A 124 -16.70 -8.38 -6.29
N PHE A 125 -15.85 -9.35 -5.95
CA PHE A 125 -15.21 -10.21 -6.95
C PHE A 125 -15.54 -11.70 -6.81
N GLY A 126 -16.27 -12.06 -5.76
CA GLY A 126 -16.60 -13.47 -5.50
C GLY A 126 -17.28 -14.17 -6.68
N PHE A 127 -18.15 -13.45 -7.38
CA PHE A 127 -18.89 -13.99 -8.52
C PHE A 127 -18.00 -14.53 -9.62
N LEU A 128 -16.78 -14.01 -9.72
CA LEU A 128 -15.85 -14.43 -10.77
C LEU A 128 -15.42 -15.89 -10.64
N ASP A 129 -15.47 -16.42 -9.41
CA ASP A 129 -15.20 -17.84 -9.15
C ASP A 129 -16.09 -18.75 -10.01
N ASP A 130 -17.34 -18.35 -10.22
CA ASP A 130 -18.32 -19.13 -11.00
C ASP A 130 -18.41 -18.73 -12.49
N GLU A 131 -17.82 -17.60 -12.86
CA GLU A 131 -17.82 -17.12 -14.26
C GLU A 131 -16.65 -17.61 -15.08
N VAL A 132 -15.57 -17.99 -14.40
CA VAL A 132 -14.32 -18.42 -15.04
C VAL A 132 -13.94 -19.77 -14.43
N GLU A 133 -13.43 -20.69 -15.25
CA GLU A 133 -13.12 -22.05 -14.80
C GLU A 133 -11.63 -22.32 -14.77
N THR A 137 -5.12 -28.15 -14.48
CA THR A 137 -3.68 -28.08 -14.72
C THR A 137 -3.36 -27.76 -16.19
N TRP A 138 -2.30 -26.98 -16.39
CA TRP A 138 -1.88 -26.49 -17.71
C TRP A 138 -0.42 -26.82 -17.94
N THR A 139 0.03 -26.68 -19.19
CA THR A 139 1.45 -26.77 -19.54
C THR A 139 1.81 -25.56 -20.40
N ALA A 140 3.10 -25.27 -20.52
CA ALA A 140 3.58 -24.18 -21.39
C ALA A 140 3.01 -24.30 -22.81
N GLN A 141 2.92 -25.54 -23.30
CA GLN A 141 2.31 -25.83 -24.60
C GLN A 141 0.88 -25.30 -24.74
N SER A 142 0.01 -25.65 -23.80
CA SER A 142 -1.40 -25.23 -23.81
C SER A 142 -1.53 -23.71 -23.82
N LEU A 143 -0.68 -23.05 -23.04
CA LEU A 143 -0.70 -21.59 -22.91
C LEU A 143 -0.41 -20.90 -24.23
N ASP A 144 0.59 -21.38 -24.98
CA ASP A 144 0.93 -20.77 -26.26
C ASP A 144 -0.23 -20.81 -27.26
N ALA A 145 -0.94 -21.94 -27.31
CA ALA A 145 -2.10 -22.10 -28.17
C ALA A 145 -3.20 -21.12 -27.78
N TYR A 146 -3.44 -21.04 -26.47
CA TYR A 146 -4.46 -20.15 -25.91
C TYR A 146 -4.22 -18.67 -26.27
N LEU A 147 -3.03 -18.15 -25.96
CA LEU A 147 -2.71 -16.76 -26.29
C LEU A 147 -2.87 -16.50 -27.79
N ASP A 148 -2.49 -17.49 -28.60
CA ASP A 148 -2.62 -17.43 -30.06
C ASP A 148 -4.06 -17.31 -30.51
N SER A 149 -4.97 -17.94 -29.76
CA SER A 149 -6.39 -17.98 -30.11
C SER A 149 -7.17 -16.70 -29.80
N LEU A 150 -6.53 -15.74 -29.12
CA LEU A 150 -7.21 -14.51 -28.68
C LEU A 150 -7.32 -13.49 -29.80
N GLU A 157 -16.22 -5.56 -35.92
CA GLU A 157 -17.62 -5.28 -35.57
C GLU A 157 -17.72 -3.99 -34.77
N GLN A 158 -18.81 -3.26 -34.97
CA GLN A 158 -19.12 -2.10 -34.14
C GLN A 158 -19.33 -2.56 -32.70
N SER A 159 -18.65 -1.89 -31.77
CA SER A 159 -18.67 -2.29 -30.37
C SER A 159 -19.95 -1.81 -29.67
N PRO A 160 -20.29 -2.42 -28.52
CA PRO A 160 -21.47 -1.94 -27.79
C PRO A 160 -21.45 -0.45 -27.43
N VAL A 161 -20.29 0.07 -27.05
CA VAL A 161 -20.16 1.50 -26.71
C VAL A 161 -20.37 2.40 -27.93
N GLU A 162 -19.80 2.00 -29.07
CA GLU A 162 -20.00 2.72 -30.33
C GLU A 162 -21.50 2.77 -30.66
N LYS A 163 -22.18 1.64 -30.56
CA LYS A 163 -23.61 1.58 -30.85
C LYS A 163 -24.41 2.50 -29.92
N ALA A 164 -24.07 2.46 -28.64
CA ALA A 164 -24.76 3.24 -27.62
C ALA A 164 -24.60 4.72 -27.87
N ILE A 165 -23.38 5.16 -28.14
CA ILE A 165 -23.09 6.58 -28.30
C ILE A 165 -23.60 7.09 -29.65
N LEU A 166 -23.25 6.39 -30.73
CA LEU A 166 -23.62 6.87 -32.06
C LEU A 166 -25.11 6.79 -32.35
N GLY A 167 -25.83 5.91 -31.65
CA GLY A 167 -27.29 5.80 -31.79
C GLY A 167 -28.09 6.65 -30.83
N SER A 168 -27.40 7.38 -29.95
CA SER A 168 -28.07 8.13 -28.88
C SER A 168 -28.83 9.32 -29.44
N ALA A 169 -29.94 9.63 -28.76
CA ALA A 169 -30.68 10.87 -28.95
C ALA A 169 -29.84 12.13 -28.73
N ASP A 170 -28.77 12.00 -27.94
CA ASP A 170 -27.84 13.10 -27.68
C ASP A 170 -26.42 12.49 -27.66
N ARG A 171 -25.77 12.48 -28.82
N ARG A 171 -25.77 12.48 -28.81
CA ARG A 171 -24.45 11.85 -29.00
CA ARG A 171 -24.44 11.85 -28.99
C ARG A 171 -23.38 12.49 -28.10
C ARG A 171 -23.39 12.49 -28.10
N GLU A 172 -23.37 13.82 -28.06
CA GLU A 172 -22.39 14.53 -27.26
C GLU A 172 -22.54 14.21 -25.77
N ARG A 173 -23.78 14.19 -25.28
CA ARG A 173 -24.05 13.84 -23.89
C ARG A 173 -23.62 12.40 -23.60
N ALA A 174 -23.94 11.49 -24.51
CA ALA A 174 -23.58 10.09 -24.32
C ALA A 174 -22.05 9.93 -24.26
N ALA A 175 -21.34 10.60 -25.16
CA ALA A 175 -19.87 10.55 -25.18
C ALA A 175 -19.24 11.21 -23.95
N ARG A 176 -19.81 12.30 -23.46
CA ARG A 176 -19.29 12.89 -22.19
C ARG A 176 -19.48 11.94 -21.00
N MET A 177 -20.65 11.30 -20.95
CA MET A 177 -20.94 10.33 -19.89
C MET A 177 -19.93 9.18 -19.94
N TRP A 178 -19.58 8.74 -21.14
CA TRP A 178 -18.54 7.74 -21.36
C TRP A 178 -17.17 8.19 -20.85
N LEU A 179 -16.76 9.39 -21.26
CA LEU A 179 -15.45 9.89 -20.90
C LEU A 179 -15.24 10.01 -19.38
N VAL A 180 -16.26 10.45 -18.64
CA VAL A 180 -16.05 10.63 -17.19
C VAL A 180 -15.87 9.27 -16.49
N GLN A 181 -16.34 8.18 -17.11
CA GLN A 181 -16.14 6.83 -16.53
C GLN A 181 -14.66 6.51 -16.38
N PHE A 182 -13.84 7.07 -17.24
CA PHE A 182 -12.40 6.79 -17.24
C PHE A 182 -11.59 7.69 -16.33
N ALA A 183 -12.18 8.71 -15.72
CA ALA A 183 -11.40 9.68 -14.95
C ALA A 183 -10.52 9.04 -13.86
N PRO A 184 -11.08 8.13 -13.05
CA PRO A 184 -10.21 7.56 -11.99
C PRO A 184 -9.04 6.72 -12.50
N ASP A 185 -9.25 6.09 -13.64
CA ASP A 185 -8.24 5.23 -14.27
C ASP A 185 -7.20 6.11 -14.95
N PHE A 186 -7.64 6.88 -15.95
CA PHE A 186 -6.70 7.60 -16.80
C PHE A 186 -6.01 8.76 -16.09
N LEU A 187 -6.68 9.45 -15.17
CA LEU A 187 -6.03 10.58 -14.50
C LEU A 187 -5.00 10.14 -13.47
N SER A 188 -5.15 8.92 -12.95
CA SER A 188 -4.13 8.28 -12.11
C SER A 188 -3.40 7.16 -12.88
N GLU A 189 -3.24 7.36 -14.18
CA GLU A 189 -2.77 6.32 -15.10
C GLU A 189 -1.55 5.58 -14.57
N ALA A 190 -1.64 4.25 -14.61
CA ALA A 190 -0.55 3.35 -14.22
C ALA A 190 -0.37 3.17 -12.71
N SER A 191 -1.17 3.87 -11.89
CA SER A 191 -1.03 3.70 -10.44
C SER A 191 -1.20 2.24 -9.97
N PRO A 192 -2.26 1.54 -10.42
CA PRO A 192 -2.35 0.14 -9.95
C PRO A 192 -1.19 -0.73 -10.44
N MET A 193 -0.72 -0.46 -11.65
CA MET A 193 0.42 -1.18 -12.21
C MET A 193 1.71 -0.92 -11.41
N MET A 194 1.88 0.31 -10.94
N MET A 194 1.88 0.30 -10.93
CA MET A 194 3.06 0.66 -10.14
CA MET A 194 3.02 0.68 -10.12
C MET A 194 3.14 -0.20 -8.86
C MET A 194 3.13 -0.21 -8.87
N ARG A 195 1.99 -0.65 -8.34
CA ARG A 195 1.99 -1.52 -7.16
C ARG A 195 2.83 -2.80 -7.34
N ASN A 196 2.97 -3.26 -8.59
CA ASN A 196 3.77 -4.46 -8.87
C ASN A 196 5.26 -4.27 -9.03
N VAL A 197 5.72 -3.01 -9.03
N VAL A 197 5.73 -3.02 -9.03
CA VAL A 197 7.14 -2.72 -9.20
CA VAL A 197 7.15 -2.76 -9.20
C VAL A 197 7.89 -2.57 -7.88
C VAL A 197 7.89 -2.58 -7.88
N LEU A 198 7.17 -2.49 -6.75
CA LEU A 198 7.80 -2.43 -5.44
C LEU A 198 8.29 -3.81 -5.07
N GLY A 199 9.51 -3.89 -4.52
CA GLY A 199 10.07 -5.15 -4.04
C GLY A 199 11.38 -5.54 -4.71
N TYR A 200 11.58 -6.85 -4.81
CA TYR A 200 12.85 -7.44 -5.24
C TYR A 200 12.55 -8.78 -5.86
N TYR A 201 12.52 -8.81 -7.19
CA TYR A 201 12.33 -10.06 -7.89
C TYR A 201 13.14 -10.06 -9.18
N GLY A 202 12.85 -10.95 -10.11
CA GLY A 202 13.76 -11.16 -11.24
C GLY A 202 13.77 -10.05 -12.29
N PRO A 203 14.36 -10.36 -13.45
CA PRO A 203 14.34 -9.47 -14.61
C PRO A 203 12.94 -8.97 -14.98
N ALA A 204 11.91 -9.73 -14.66
CA ALA A 204 10.53 -9.31 -14.93
C ALA A 204 10.18 -8.01 -14.23
N GLN A 205 10.79 -7.73 -13.08
CA GLN A 205 10.53 -6.47 -12.37
C GLN A 205 10.87 -5.24 -13.21
N SER A 206 12.03 -5.26 -13.85
CA SER A 206 12.45 -4.16 -14.74
C SER A 206 11.59 -4.04 -16.00
N GLU A 207 11.09 -5.18 -16.49
CA GLU A 207 10.17 -5.19 -17.63
C GLU A 207 8.82 -4.54 -17.25
N TRP A 208 8.28 -4.91 -16.09
N TRP A 208 8.29 -4.91 -16.10
CA TRP A 208 7.08 -4.25 -15.56
CA TRP A 208 7.10 -4.26 -15.56
C TRP A 208 7.32 -2.75 -15.45
C TRP A 208 7.33 -2.74 -15.44
N PHE A 209 8.47 -2.36 -14.89
CA PHE A 209 8.80 -0.96 -14.68
C PHE A 209 8.84 -0.20 -16.02
N LYS A 210 9.36 -0.82 -17.06
CA LYS A 210 9.40 -0.20 -18.40
C LYS A 210 8.01 0.20 -18.87
N VAL A 211 7.03 -0.67 -18.63
CA VAL A 211 5.63 -0.42 -19.04
C VAL A 211 5.10 0.78 -18.27
N VAL A 212 5.36 0.81 -16.97
CA VAL A 212 4.92 1.90 -16.12
C VAL A 212 5.52 3.23 -16.57
N ILE A 213 6.82 3.23 -16.86
CA ILE A 213 7.52 4.43 -17.31
C ILE A 213 6.85 5.01 -18.55
N ASP A 214 6.46 4.14 -19.47
CA ASP A 214 5.84 4.59 -20.71
C ASP A 214 4.55 5.40 -20.39
N GLU A 215 3.82 5.00 -19.36
CA GLU A 215 2.55 5.64 -19.03
C GLU A 215 2.83 6.87 -18.15
N GLY A 219 8.68 10.75 -16.83
CA GLY A 219 8.89 11.89 -15.94
C GLY A 219 8.74 13.28 -16.54
N VAL A 220 8.24 13.38 -17.77
CA VAL A 220 7.98 14.68 -18.41
C VAL A 220 6.47 14.97 -18.28
N HIS A 221 6.11 15.91 -17.40
CA HIS A 221 4.71 16.11 -17.00
C HIS A 221 3.74 16.37 -18.17
N ASP A 222 4.16 17.18 -19.15
CA ASP A 222 3.31 17.55 -20.28
C ASP A 222 2.97 16.37 -21.21
N THR A 223 3.88 15.40 -21.25
CA THR A 223 3.70 14.20 -22.06
C THR A 223 3.19 13.02 -21.24
N LYS A 224 3.10 13.19 -19.90
CA LYS A 224 2.47 12.20 -19.03
C LYS A 224 1.06 11.96 -19.56
N HIS A 225 0.68 10.69 -19.66
CA HIS A 225 -0.58 10.36 -20.31
C HIS A 225 -1.80 10.92 -19.56
N SER A 226 -1.73 10.99 -18.23
CA SER A 226 -2.83 11.63 -17.48
C SER A 226 -3.04 13.08 -17.95
N THR A 227 -1.95 13.80 -18.22
CA THR A 227 -2.05 15.18 -18.70
C THR A 227 -2.73 15.25 -20.07
N LEU A 228 -2.45 14.29 -20.93
CA LEU A 228 -3.13 14.19 -22.22
C LEU A 228 -4.62 13.95 -22.05
N PHE A 229 -5.00 13.10 -21.09
CA PHE A 229 -6.44 12.88 -20.87
C PHE A 229 -7.11 14.12 -20.29
N GLU A 230 -6.38 14.90 -19.49
CA GLU A 230 -6.90 16.19 -19.02
C GLU A 230 -7.34 17.05 -20.20
N ARG A 231 -6.50 17.08 -21.24
CA ARG A 231 -6.81 17.87 -22.42
C ARG A 231 -8.03 17.36 -23.18
N THR A 232 -8.20 16.04 -23.25
CA THR A 232 -9.41 15.45 -23.85
C THR A 232 -10.66 15.92 -23.12
N LEU A 233 -10.66 15.77 -21.80
CA LEU A 233 -11.80 16.20 -20.99
C LEU A 233 -12.11 17.69 -21.19
N GLU A 234 -11.09 18.52 -21.07
CA GLU A 234 -11.26 19.97 -21.19
C GLU A 234 -11.74 20.39 -22.58
N SER A 235 -11.34 19.65 -23.62
CA SER A 235 -11.73 19.99 -24.98
C SER A 235 -13.22 19.76 -25.27
N VAL A 236 -13.90 18.96 -24.44
CA VAL A 236 -15.34 18.73 -24.58
C VAL A 236 -16.14 19.35 -23.43
N GLY A 237 -15.52 20.26 -22.70
CA GLY A 237 -16.21 21.03 -21.66
C GLY A 237 -16.33 20.34 -20.32
N LEU A 238 -15.56 19.27 -20.10
CA LEU A 238 -15.49 18.59 -18.81
C LEU A 238 -14.25 19.05 -18.04
N GLU A 239 -14.23 18.77 -16.74
CA GLU A 239 -13.12 19.16 -15.89
C GLU A 239 -12.31 17.94 -15.48
N SER A 240 -11.05 18.15 -15.12
CA SER A 240 -10.13 17.05 -14.82
C SER A 240 -9.72 16.93 -13.35
N ASP A 241 -10.51 17.50 -12.44
CA ASP A 241 -10.23 17.34 -11.01
C ASP A 241 -10.90 16.08 -10.48
N LEU A 242 -10.16 15.26 -9.74
CA LEU A 242 -10.75 14.04 -9.16
C LEU A 242 -11.46 14.40 -7.84
N HIS A 243 -12.62 13.80 -7.49
CA HIS A 243 -13.54 13.04 -8.35
C HIS A 243 -14.77 13.91 -8.57
N ARG A 244 -14.62 14.92 -9.42
CA ARG A 244 -15.73 15.84 -9.67
C ARG A 244 -17.02 15.09 -9.99
N TYR A 245 -16.90 14.05 -10.82
CA TYR A 245 -18.03 13.34 -11.35
C TYR A 245 -18.34 12.04 -10.61
N TRP A 246 -17.91 11.96 -9.34
CA TRP A 246 -18.14 10.76 -8.51
C TRP A 246 -19.56 10.19 -8.65
N GLN A 247 -20.56 11.05 -8.53
CA GLN A 247 -21.95 10.57 -8.55
C GLN A 247 -22.43 10.06 -9.91
N TYR A 248 -21.64 10.27 -10.96
CA TYR A 248 -21.94 9.78 -12.29
C TYR A 248 -21.08 8.58 -12.71
N TYR A 249 -20.21 8.10 -11.80
CA TYR A 249 -19.45 6.87 -12.04
C TYR A 249 -20.36 5.64 -11.91
N LEU A 250 -20.47 4.88 -12.99
CA LEU A 250 -21.26 3.65 -12.99
C LEU A 250 -20.60 2.57 -12.16
N ASN A 251 -21.45 1.72 -11.57
CA ASN A 251 -20.99 0.53 -10.84
C ASN A 251 -19.89 -0.19 -11.62
N SER A 252 -20.17 -0.50 -12.89
CA SER A 252 -19.24 -1.29 -13.71
C SER A 252 -17.90 -0.59 -13.97
N SER A 253 -17.90 0.73 -14.05
CA SER A 253 -16.65 1.48 -14.22
C SER A 253 -15.75 1.37 -12.98
N LEU A 254 -16.37 1.50 -11.80
CA LEU A 254 -15.68 1.33 -10.54
C LEU A 254 -15.14 -0.09 -10.41
N LEU A 255 -15.96 -1.05 -10.81
CA LEU A 255 -15.59 -2.47 -10.77
C LEU A 255 -14.32 -2.76 -11.59
N LEU A 256 -14.27 -2.24 -12.81
N LEU A 256 -14.27 -2.23 -12.81
CA LEU A 256 -13.09 -2.42 -13.66
CA LEU A 256 -13.11 -2.41 -13.69
C LEU A 256 -11.84 -1.77 -13.08
C LEU A 256 -11.84 -1.77 -13.10
N ASN A 257 -11.97 -0.55 -12.58
CA ASN A 257 -10.83 0.14 -11.96
C ASN A 257 -10.37 -0.61 -10.71
N ASN A 258 -11.33 -1.02 -9.89
CA ASN A 258 -11.04 -1.71 -8.65
C ASN A 258 -10.36 -3.05 -8.86
N TYR A 259 -10.73 -3.74 -9.94
CA TYR A 259 -10.13 -5.02 -10.26
C TYR A 259 -8.60 -4.90 -10.36
N PHE A 260 -8.12 -3.83 -10.98
CA PHE A 260 -6.68 -3.66 -11.13
C PHE A 260 -5.98 -3.27 -9.83
N HIS A 261 -6.65 -2.53 -8.96
CA HIS A 261 -6.08 -2.26 -7.63
C HIS A 261 -6.01 -3.54 -6.81
N TYR A 262 -7.06 -4.36 -6.91
CA TYR A 262 -7.15 -5.68 -6.30
C TYR A 262 -5.97 -6.56 -6.72
N LEU A 263 -5.75 -6.67 -8.03
CA LEU A 263 -4.63 -7.49 -8.54
C LEU A 263 -3.27 -6.93 -8.10
N GLY A 264 -3.13 -5.61 -8.10
CA GLY A 264 -1.87 -4.95 -7.75
C GLY A 264 -1.53 -4.95 -6.27
N LYS A 265 -2.53 -4.82 -5.42
CA LYS A 265 -2.33 -4.75 -3.97
C LYS A 265 -2.07 -6.12 -3.36
N ASN A 266 -2.66 -7.15 -3.97
CA ASN A 266 -2.68 -8.49 -3.41
C ASN A 266 -1.74 -9.37 -4.21
N HIS A 267 -0.50 -9.54 -3.73
CA HIS A 267 0.54 -10.13 -4.59
C HIS A 267 0.39 -11.64 -4.83
N GLU A 268 -0.49 -12.30 -4.08
CA GLU A 268 -0.87 -13.66 -4.41
C GLU A 268 -1.56 -13.71 -5.78
N LEU A 269 -2.04 -12.55 -6.25
CA LEU A 269 -2.69 -12.41 -7.57
C LEU A 269 -1.76 -11.85 -8.65
N PHE A 270 -0.44 -11.79 -8.36
CA PHE A 270 0.54 -11.21 -9.29
C PHE A 270 0.43 -11.80 -10.69
N PHE A 271 0.27 -13.11 -10.76
CA PHE A 271 0.23 -13.79 -12.05
C PHE A 271 -1.06 -13.52 -12.83
N ARG A 272 -2.16 -13.31 -12.13
CA ARG A 272 -3.36 -12.78 -12.79
C ARG A 272 -3.10 -11.43 -13.45
N TYR A 273 -2.36 -10.55 -12.75
CA TYR A 273 -2.04 -9.25 -13.32
C TYR A 273 -1.18 -9.40 -14.58
N VAL A 274 -0.25 -10.36 -14.55
CA VAL A 274 0.58 -10.64 -15.71
C VAL A 274 -0.28 -10.96 -16.93
N GLY A 275 -1.28 -11.83 -16.74
CA GLY A 275 -2.24 -12.15 -17.80
C GLY A 275 -3.05 -10.96 -18.27
N ALA A 276 -3.65 -10.25 -17.33
CA ALA A 276 -4.43 -9.05 -17.67
C ALA A 276 -3.59 -8.00 -18.41
N LEU A 277 -2.33 -7.80 -18.01
CA LEU A 277 -1.43 -6.89 -18.73
C LEU A 277 -1.25 -7.30 -20.18
N TYR A 278 -1.00 -8.57 -20.43
CA TYR A 278 -0.82 -9.04 -21.79
C TYR A 278 -2.05 -8.71 -22.62
N TYR A 279 -3.22 -9.04 -22.07
CA TYR A 279 -4.47 -8.84 -22.82
C TYR A 279 -4.76 -7.37 -23.07
N THR A 280 -4.58 -6.51 -22.06
CA THR A 280 -4.84 -5.08 -22.23
C THR A 280 -3.88 -4.43 -23.24
N GLU A 281 -2.60 -4.78 -23.19
CA GLU A 281 -1.64 -4.22 -24.15
C GLU A 281 -1.94 -4.67 -25.57
N SER A 282 -2.31 -5.95 -25.72
CA SER A 282 -2.67 -6.54 -27.00
C SER A 282 -3.93 -5.95 -27.62
N SER A 283 -4.81 -5.40 -26.78
CA SER A 283 -6.07 -4.77 -27.20
C SER A 283 -5.99 -3.23 -27.27
N LEU A 284 -4.88 -2.65 -26.83
CA LEU A 284 -4.79 -1.19 -26.64
C LEU A 284 -4.94 -0.38 -27.93
N VAL A 285 -4.24 -0.80 -28.97
CA VAL A 285 -4.24 -0.06 -30.24
C VAL A 285 -5.65 -0.01 -30.84
N ASP A 286 -6.33 -1.15 -30.85
CA ASP A 286 -7.72 -1.22 -31.35
C ASP A 286 -8.64 -0.31 -30.51
N PHE A 287 -8.48 -0.36 -29.18
CA PHE A 287 -9.24 0.51 -28.29
C PHE A 287 -9.04 1.99 -28.61
N CYS A 288 -7.77 2.40 -28.74
CA CYS A 288 -7.45 3.81 -28.98
C CYS A 288 -7.88 4.27 -30.38
N ARG A 289 -7.72 3.42 -31.38
CA ARG A 289 -8.19 3.74 -32.73
C ARG A 289 -9.69 4.01 -32.73
N ARG A 290 -10.45 3.11 -32.09
CA ARG A 290 -11.90 3.26 -32.02
C ARG A 290 -12.32 4.50 -31.24
N ALA A 291 -11.62 4.77 -30.14
CA ALA A 291 -11.94 5.92 -29.30
C ALA A 291 -11.71 7.22 -30.08
N ASP A 292 -10.57 7.30 -30.77
CA ASP A 292 -10.25 8.46 -31.59
C ASP A 292 -11.33 8.70 -32.65
N HIS A 293 -11.67 7.66 -33.39
CA HIS A 293 -12.69 7.73 -34.44
C HIS A 293 -14.07 8.15 -33.92
N LEU A 294 -14.50 7.53 -32.84
CA LEU A 294 -15.82 7.81 -32.27
C LEU A 294 -15.90 9.26 -31.76
N LEU A 295 -14.87 9.69 -31.04
CA LEU A 295 -14.84 11.05 -30.51
C LEU A 295 -14.82 12.10 -31.61
N ARG A 296 -14.04 11.85 -32.66
N ARG A 296 -14.03 11.85 -32.65
CA ARG A 296 -13.97 12.75 -33.81
CA ARG A 296 -13.98 12.77 -33.79
C ARG A 296 -15.33 12.84 -34.51
C ARG A 296 -15.32 12.84 -34.53
N GLU A 297 -16.00 11.71 -34.65
CA GLU A 297 -17.34 11.70 -35.26
C GLU A 297 -18.35 12.51 -34.42
N VAL A 298 -18.29 12.37 -33.11
CA VAL A 298 -19.26 13.03 -32.23
C VAL A 298 -19.00 14.54 -32.10
N PHE A 299 -17.74 14.91 -31.88
CA PHE A 299 -17.38 16.28 -31.50
C PHE A 299 -16.75 17.10 -32.61
N GLY A 300 -16.28 16.45 -33.68
CA GLY A 300 -15.61 17.14 -34.77
C GLY A 300 -14.22 17.60 -34.37
N ASP A 301 -13.79 18.71 -34.99
CA ASP A 301 -12.43 19.25 -34.85
C ASP A 301 -12.03 19.67 -33.43
N THR A 302 -13.00 20.01 -32.60
CA THR A 302 -12.72 20.63 -31.31
C THR A 302 -12.22 19.66 -30.24
N VAL A 303 -12.50 18.36 -30.37
CA VAL A 303 -12.03 17.39 -29.36
C VAL A 303 -10.54 17.10 -29.54
N ASP A 304 -9.82 17.02 -28.42
CA ASP A 304 -8.39 16.67 -28.41
C ASP A 304 -8.29 15.19 -28.09
N THR A 305 -7.83 14.39 -29.06
CA THR A 305 -7.75 12.94 -28.88
C THR A 305 -6.30 12.44 -28.79
N THR A 306 -5.36 13.36 -28.50
CA THR A 306 -3.94 13.02 -28.42
C THR A 306 -3.68 11.86 -27.46
N TYR A 307 -4.41 11.83 -26.35
CA TYR A 307 -4.30 10.72 -25.39
C TYR A 307 -4.43 9.38 -26.11
N PHE A 308 -5.38 9.30 -27.03
CA PHE A 308 -5.63 8.06 -27.76
C PHE A 308 -4.68 7.87 -28.96
N THR A 309 -4.37 8.96 -29.67
CA THR A 309 -3.53 8.85 -30.89
C THR A 309 -2.07 8.56 -30.56
N GLU A 310 -1.69 8.71 -29.28
CA GLU A 310 -0.39 8.21 -28.81
C GLU A 310 -0.22 6.70 -29.01
N HIS A 311 -1.32 5.99 -29.23
CA HIS A 311 -1.28 4.53 -29.45
C HIS A 311 -2.13 4.06 -30.64
N ILE A 312 -2.11 4.80 -31.75
CA ILE A 312 -2.88 4.34 -32.92
C ILE A 312 -1.97 3.71 -33.97
N HIS A 313 -0.65 3.86 -33.83
CA HIS A 313 0.29 3.14 -34.67
C HIS A 313 0.35 1.71 -34.14
N ILE A 314 0.40 0.75 -35.07
CA ILE A 314 0.27 -0.69 -34.78
C ILE A 314 1.19 -1.22 -33.68
N ASP A 315 2.40 -0.66 -33.57
CA ASP A 315 3.43 -1.11 -32.62
C ASP A 315 3.46 -0.29 -31.33
N GLN A 316 2.53 0.64 -31.14
CA GLN A 316 2.57 1.55 -29.97
C GLN A 316 1.88 0.90 -28.77
N HIS A 317 2.46 -0.22 -28.34
CA HIS A 317 1.98 -0.99 -27.18
C HIS A 317 3.09 -1.92 -26.69
N HIS A 318 2.89 -2.57 -25.53
CA HIS A 318 3.89 -3.47 -24.88
C HIS A 318 3.52 -4.98 -24.82
N GLY A 319 2.68 -5.41 -25.75
CA GLY A 319 2.14 -6.77 -25.78
C GLY A 319 3.18 -7.85 -26.07
N ARG A 320 4.03 -7.58 -27.06
CA ARG A 320 5.07 -8.54 -27.47
C ARG A 320 6.09 -8.72 -26.35
N MET A 321 6.54 -7.60 -25.76
CA MET A 321 7.45 -7.63 -24.62
C MET A 321 6.82 -8.34 -23.42
N ALA A 322 5.54 -8.08 -23.16
CA ALA A 322 4.83 -8.76 -22.06
C ALA A 322 4.86 -10.29 -22.21
N ARG A 323 4.67 -10.78 -23.44
CA ARG A 323 4.68 -12.21 -23.68
C ARG A 323 6.10 -12.79 -23.59
N GLU A 324 7.07 -12.11 -24.20
CA GLU A 324 8.42 -12.67 -24.36
C GLU A 324 9.33 -12.38 -23.18
N LYS A 325 9.13 -11.23 -22.55
CA LYS A 325 10.00 -10.79 -21.46
C LYS A 325 9.36 -10.87 -20.07
N ILE A 326 8.04 -11.10 -19.99
CA ILE A 326 7.39 -11.26 -18.68
C ILE A 326 6.85 -12.69 -18.52
N ILE A 327 5.91 -13.10 -19.38
CA ILE A 327 5.27 -14.42 -19.23
C ILE A 327 6.27 -15.57 -19.34
N LYS A 328 7.09 -15.56 -20.39
CA LYS A 328 7.99 -16.67 -20.66
C LYS A 328 9.00 -16.90 -19.53
N PRO A 329 9.74 -15.85 -19.12
CA PRO A 329 10.65 -16.00 -17.98
C PRO A 329 9.99 -16.38 -16.65
N LEU A 330 8.76 -15.91 -16.40
CA LEU A 330 8.06 -16.25 -15.15
C LEU A 330 7.64 -17.72 -15.11
N VAL A 331 7.14 -18.24 -16.23
CA VAL A 331 6.74 -19.65 -16.30
C VAL A 331 7.97 -20.56 -16.12
N GLU A 332 9.09 -20.17 -16.73
CA GLU A 332 10.35 -20.89 -16.63
C GLU A 332 10.85 -20.90 -15.18
N ALA A 333 10.81 -19.73 -14.54
CA ALA A 333 11.32 -19.59 -13.17
C ALA A 333 10.42 -20.26 -12.12
N HIS A 334 9.11 -20.07 -12.24
CA HIS A 334 8.16 -20.43 -11.18
C HIS A 334 7.31 -21.66 -11.49
N GLY A 335 7.40 -22.15 -12.72
CA GLY A 335 6.78 -23.41 -13.10
C GLY A 335 5.44 -23.24 -13.75
N ASP A 336 4.91 -24.36 -14.24
CA ASP A 336 3.63 -24.38 -14.94
C ASP A 336 2.43 -24.15 -14.01
N GLY A 337 2.64 -24.29 -12.70
CA GLY A 337 1.61 -23.98 -11.72
C GLY A 337 1.04 -22.57 -11.82
N ILE A 338 1.82 -21.60 -12.32
CA ILE A 338 1.34 -20.21 -12.45
C ILE A 338 0.44 -19.96 -13.67
N ILE A 339 0.46 -20.88 -14.64
CA ILE A 339 -0.22 -20.67 -15.92
C ILE A 339 -1.74 -20.45 -15.76
N PRO A 340 -2.42 -21.29 -14.94
CA PRO A 340 -3.86 -21.09 -14.75
C PRO A 340 -4.20 -19.71 -14.18
N GLU A 341 -3.32 -19.15 -13.36
CA GLU A 341 -3.54 -17.78 -12.83
C GLU A 341 -3.42 -16.73 -13.93
N ILE A 342 -2.43 -16.88 -14.81
CA ILE A 342 -2.27 -16.00 -15.98
C ILE A 342 -3.55 -16.01 -16.82
N VAL A 343 -4.05 -17.21 -17.12
CA VAL A 343 -5.28 -17.37 -17.91
C VAL A 343 -6.49 -16.77 -17.16
N ARG A 344 -6.56 -17.00 -15.84
CA ARG A 344 -7.66 -16.50 -15.03
C ARG A 344 -7.72 -14.96 -15.04
N GLY A 345 -6.56 -14.31 -15.00
CA GLY A 345 -6.54 -12.84 -15.08
C GLY A 345 -7.13 -12.34 -16.39
N ILE A 346 -6.79 -13.00 -17.49
CA ILE A 346 -7.32 -12.63 -18.80
C ILE A 346 -8.82 -12.82 -18.85
N GLU A 347 -9.28 -14.00 -18.42
CA GLU A 347 -10.70 -14.35 -18.52
C GLU A 347 -11.59 -13.53 -17.56
N GLU A 348 -11.08 -13.23 -16.36
CA GLU A 348 -11.81 -12.37 -15.42
C GLU A 348 -11.95 -10.95 -15.99
N TYR A 349 -10.86 -10.41 -16.52
CA TYR A 349 -10.90 -9.08 -17.12
C TYR A 349 -11.91 -9.04 -18.27
N ARG A 350 -11.95 -10.08 -19.10
CA ARG A 350 -12.90 -10.11 -20.21
C ARG A 350 -14.35 -10.12 -19.74
N VAL A 351 -14.64 -10.83 -18.66
CA VAL A 351 -15.98 -10.80 -18.03
C VAL A 351 -16.34 -9.38 -17.58
N LEU A 352 -15.39 -8.70 -16.95
CA LEU A 352 -15.65 -7.34 -16.46
C LEU A 352 -15.92 -6.36 -17.61
N LEU A 353 -15.22 -6.53 -18.73
CA LEU A 353 -15.46 -5.71 -19.91
C LEU A 353 -16.88 -5.92 -20.45
N GLU A 354 -17.35 -7.16 -20.43
CA GLU A 354 -18.73 -7.46 -20.87
C GLU A 354 -19.75 -6.76 -20.00
N ILE A 355 -19.53 -6.81 -18.69
CA ILE A 355 -20.41 -6.17 -17.71
C ILE A 355 -20.43 -4.66 -17.95
N GLY A 356 -19.26 -4.07 -18.19
CA GLY A 356 -19.17 -2.63 -18.45
C GLY A 356 -19.93 -2.21 -19.70
N ASP A 357 -19.81 -2.99 -20.76
CA ASP A 357 -20.52 -2.71 -22.02
C ASP A 357 -22.03 -2.73 -21.79
N PHE A 358 -22.50 -3.72 -21.05
CA PHE A 358 -23.93 -3.84 -20.74
C PHE A 358 -24.41 -2.67 -19.89
N ASP A 359 -23.71 -2.43 -18.79
CA ASP A 359 -24.11 -1.38 -17.85
C ASP A 359 -24.13 0.00 -18.51
N PHE A 360 -23.09 0.33 -19.29
CA PHE A 360 -23.06 1.62 -19.97
C PHE A 360 -24.19 1.76 -21.00
N SER A 361 -24.38 0.74 -21.84
CA SER A 361 -25.44 0.74 -22.83
C SER A 361 -26.80 0.95 -22.18
N GLU A 362 -27.05 0.23 -21.08
CA GLU A 362 -28.30 0.34 -20.33
C GLU A 362 -28.46 1.75 -19.77
N GLN A 363 -27.39 2.32 -19.24
CA GLN A 363 -27.48 3.67 -18.68
C GLN A 363 -27.82 4.73 -19.74
N ILE A 364 -27.17 4.65 -20.90
CA ILE A 364 -27.44 5.62 -21.98
C ILE A 364 -28.89 5.51 -22.47
N ALA A 365 -29.36 4.29 -22.65
CA ALA A 365 -30.76 4.06 -23.03
C ALA A 365 -31.72 4.67 -22.01
N TRP A 366 -31.41 4.47 -20.74
CA TRP A 366 -32.20 5.01 -19.63
C TRP A 366 -32.23 6.56 -19.62
N MET A 367 -31.07 7.18 -19.84
CA MET A 367 -31.00 8.64 -19.97
C MET A 367 -31.81 9.14 -21.18
N ASP A 368 -31.65 8.50 -22.33
CA ASP A 368 -32.35 8.95 -23.52
C ASP A 368 -33.87 8.77 -23.41
N ALA A 369 -34.31 7.78 -22.65
CA ALA A 369 -35.74 7.47 -22.51
C ALA A 369 -36.50 8.30 -21.48
N GLN A 370 -35.82 9.23 -20.80
CA GLN A 370 -36.47 9.98 -19.70
C GLN A 370 -37.84 10.59 -20.07
N PRO A 371 -37.95 11.30 -21.20
CA PRO A 371 -39.27 11.84 -21.53
C PRO A 371 -40.38 10.78 -21.64
N GLU A 372 -40.07 9.64 -22.23
CA GLU A 372 -41.03 8.55 -22.36
C GLU A 372 -41.31 7.87 -21.02
N LEU A 373 -40.30 7.79 -20.14
CA LEU A 373 -40.48 7.19 -18.81
C LEU A 373 -41.26 8.11 -17.86
N LYS A 374 -41.18 9.42 -18.09
CA LYS A 374 -42.04 10.37 -17.39
C LYS A 374 -43.50 10.16 -17.81
N LYS A 375 -43.74 9.98 -19.10
CA LYS A 375 -45.11 9.73 -19.57
C LYS A 375 -45.61 8.37 -19.10
N LEU A 376 -44.72 7.38 -19.05
CA LEU A 376 -45.09 6.02 -18.67
C LEU A 376 -45.53 5.91 -17.20
N HIS A 377 -45.17 6.90 -16.39
CA HIS A 377 -45.69 7.01 -15.02
C HIS A 377 -47.22 6.90 -14.98
N ASP A 378 -47.89 7.54 -15.93
CA ASP A 378 -49.36 7.58 -15.91
C ASP A 378 -49.99 6.18 -15.96
N PRO A 379 -49.66 5.37 -16.99
CA PRO A 379 -50.26 4.03 -17.02
C PRO A 379 -49.76 3.10 -15.90
N VAL A 380 -48.51 3.26 -15.45
CA VAL A 380 -48.03 2.44 -14.33
C VAL A 380 -48.80 2.81 -13.04
N PHE A 381 -48.96 4.10 -12.79
CA PHE A 381 -49.69 4.58 -11.60
C PHE A 381 -51.15 4.09 -11.63
N GLU A 382 -51.78 4.17 -12.81
CA GLU A 382 -53.15 3.66 -13.02
C GLU A 382 -53.24 2.15 -12.76
N GLY A 383 -52.25 1.40 -13.24
CA GLY A 383 -52.16 -0.03 -13.01
C GLY A 383 -52.16 -0.40 -11.54
N LEU A 384 -51.43 0.37 -10.74
CA LEU A 384 -51.39 0.19 -9.30
C LEU A 384 -52.75 0.44 -8.65
N LYS A 385 -53.42 1.47 -9.13
CA LYS A 385 -54.77 1.80 -8.63
C LYS A 385 -55.75 0.68 -8.92
N GLN A 386 -55.60 0.03 -10.07
CA GLN A 386 -56.43 -1.11 -10.46
C GLN A 386 -55.98 -2.39 -9.75
N GLY A 387 -54.85 -2.37 -9.05
CA GLY A 387 -54.40 -3.54 -8.31
C GLY A 387 -53.77 -4.64 -9.15
N LYS A 388 -53.15 -4.27 -10.28
CA LYS A 388 -52.43 -5.25 -11.11
C LYS A 388 -51.18 -5.74 -10.41
N VAL A 389 -50.54 -4.84 -9.67
CA VAL A 389 -49.44 -5.18 -8.79
C VAL A 389 -49.77 -4.61 -7.40
N ASP A 390 -49.48 -5.38 -6.35
CA ASP A 390 -49.56 -4.93 -4.96
C ASP A 390 -48.16 -4.51 -4.51
N ALA A 391 -47.91 -3.20 -4.54
CA ALA A 391 -46.55 -2.67 -4.41
C ALA A 391 -46.36 -1.98 -3.07
N PRO A 392 -45.31 -2.37 -2.33
CA PRO A 392 -44.94 -1.57 -1.18
C PRO A 392 -44.76 -0.11 -1.57
N VAL A 393 -45.16 0.80 -0.68
CA VAL A 393 -45.05 2.23 -0.92
C VAL A 393 -44.26 2.87 0.23
N ALA A 394 -43.32 3.73 -0.12
CA ALA A 394 -42.62 4.57 0.85
C ALA A 394 -43.13 5.99 0.66
N HIS A 395 -43.53 6.62 1.75
CA HIS A 395 -44.03 7.99 1.71
C HIS A 395 -42.94 8.92 2.24
N LEU A 396 -42.51 9.86 1.40
CA LEU A 396 -41.39 10.73 1.70
C LEU A 396 -41.80 12.21 1.67
N VAL A 397 -41.21 12.98 2.57
CA VAL A 397 -41.40 14.43 2.65
C VAL A 397 -40.03 15.06 2.85
N GLU A 398 -39.58 15.88 1.91
CA GLU A 398 -38.21 16.39 1.89
C GLU A 398 -38.19 17.89 1.58
N PRO A 399 -37.34 18.65 2.31
CA PRO A 399 -37.25 20.10 2.13
C PRO A 399 -36.34 20.48 0.96
N ARG A 400 -36.48 21.73 0.52
CA ARG A 400 -35.63 22.34 -0.49
C ARG A 400 -34.16 21.94 -0.29
N GLY A 401 -33.53 21.48 -1.37
CA GLY A 401 -32.10 21.19 -1.38
C GLY A 401 -31.70 19.89 -0.71
N GLU A 402 -32.64 19.05 -0.27
CA GLU A 402 -32.28 17.72 0.16
C GLU A 402 -31.95 16.90 -1.09
N LEU A 403 -30.65 16.77 -1.35
CA LEU A 403 -30.19 16.13 -2.56
C LEU A 403 -29.94 14.65 -2.27
N SER A 404 -30.74 13.80 -2.91
CA SER A 404 -30.60 12.36 -2.81
C SER A 404 -29.43 11.99 -3.71
N ASN A 405 -28.31 11.67 -3.08
CA ASN A 405 -27.09 11.32 -3.82
C ASN A 405 -27.36 10.07 -4.64
N THR A 406 -26.68 9.96 -5.79
CA THR A 406 -27.05 8.94 -6.76
C THR A 406 -26.89 7.51 -6.23
N HIS A 407 -27.77 6.64 -6.69
CA HIS A 407 -27.86 5.26 -6.23
C HIS A 407 -28.69 4.48 -7.26
N CYS A 408 -29.05 3.25 -6.93
CA CYS A 408 -29.99 2.49 -7.74
C CYS A 408 -30.82 1.61 -6.83
N HIS A 409 -31.86 1.01 -7.40
CA HIS A 409 -32.72 0.06 -6.70
C HIS A 409 -32.66 -1.29 -7.42
N ASP A 410 -33.04 -2.35 -6.71
CA ASP A 410 -32.92 -3.71 -7.24
C ASP A 410 -34.15 -4.18 -8.02
N GLY A 411 -35.24 -3.44 -7.93
CA GLY A 411 -36.42 -3.70 -8.76
C GLY A 411 -36.81 -2.39 -9.39
N ASP A 412 -37.78 -2.43 -10.31
CA ASP A 412 -38.34 -1.20 -10.88
C ASP A 412 -39.14 -0.46 -9.81
N GLU A 413 -39.03 0.88 -9.78
CA GLU A 413 -39.74 1.71 -8.81
C GLU A 413 -40.51 2.80 -9.54
N LEU A 414 -41.69 3.17 -9.02
CA LEU A 414 -42.44 4.29 -9.53
C LEU A 414 -42.32 5.45 -8.55
N CYS A 415 -41.80 6.58 -9.03
CA CYS A 415 -41.74 7.82 -8.26
C CYS A 415 -42.95 8.66 -8.64
N HIS A 416 -43.77 9.02 -7.65
CA HIS A 416 -44.96 9.84 -7.85
C HIS A 416 -44.89 11.10 -6.98
N ILE A 417 -45.00 12.27 -7.60
CA ILE A 417 -44.98 13.53 -6.86
C ILE A 417 -46.41 13.90 -6.46
N VAL A 418 -46.65 14.04 -5.15
CA VAL A 418 -47.92 14.52 -4.62
C VAL A 418 -47.96 16.06 -4.69
N SER A 419 -46.93 16.71 -4.16
CA SER A 419 -46.82 18.17 -4.20
C SER A 419 -45.36 18.60 -4.24
N GLY A 420 -45.12 19.81 -4.73
CA GLY A 420 -43.79 20.37 -4.81
C GLY A 420 -43.13 20.08 -6.15
N THR A 421 -41.81 20.29 -6.22
CA THR A 421 -41.04 20.21 -7.46
C THR A 421 -39.73 19.47 -7.22
N MET A 422 -39.45 18.46 -8.06
CA MET A 422 -38.24 17.65 -7.95
C MET A 422 -37.43 17.73 -9.25
N ARG A 423 -36.12 17.91 -9.11
CA ARG A 423 -35.19 17.63 -10.20
C ARG A 423 -34.80 16.16 -10.09
N PHE A 424 -35.19 15.37 -11.08
CA PHE A 424 -34.87 13.95 -11.11
C PHE A 424 -33.71 13.72 -12.06
N GLU A 425 -32.61 13.20 -11.52
CA GLU A 425 -31.33 13.08 -12.22
C GLU A 425 -31.10 11.64 -12.66
N SER A 426 -30.80 11.44 -13.96
CA SER A 426 -30.60 10.10 -14.51
C SER A 426 -29.22 9.86 -15.11
N GLY A 427 -28.40 10.91 -15.16
CA GLY A 427 -27.07 10.84 -15.76
C GLY A 427 -26.49 12.23 -15.92
N LEU A 428 -25.23 12.31 -16.35
CA LEU A 428 -24.58 13.60 -16.55
C LEU A 428 -25.28 14.32 -17.70
N GLY A 429 -25.87 15.47 -17.41
CA GLY A 429 -26.65 16.23 -18.41
C GLY A 429 -28.02 15.65 -18.71
N SER A 430 -28.51 14.75 -17.85
CA SER A 430 -29.81 14.09 -18.05
C SER A 430 -30.71 14.29 -16.82
N SER A 431 -31.70 15.18 -16.96
CA SER A 431 -32.55 15.60 -15.83
C SER A 431 -34.00 15.75 -16.26
N LEU A 432 -34.92 15.55 -15.31
CA LEU A 432 -36.34 15.86 -15.50
C LEU A 432 -36.80 16.77 -14.38
N THR A 433 -37.73 17.67 -14.68
CA THR A 433 -38.43 18.43 -13.66
C THR A 433 -39.79 17.77 -13.44
N LEU A 434 -40.03 17.27 -12.24
CA LEU A 434 -41.30 16.61 -11.91
C LEU A 434 -42.12 17.49 -10.98
N GLN A 435 -43.36 17.77 -11.38
CA GLN A 435 -44.30 18.61 -10.63
C GLN A 435 -45.43 17.75 -10.06
N ALA A 436 -46.33 18.39 -9.30
CA ALA A 436 -47.48 17.70 -8.71
C ALA A 436 -48.24 16.84 -9.71
N GLY A 437 -48.45 15.57 -9.35
CA GLY A 437 -49.22 14.65 -10.19
C GLY A 437 -48.40 13.98 -11.28
N GLU A 438 -47.13 14.37 -11.41
CA GLU A 438 -46.21 13.77 -12.37
C GLU A 438 -45.29 12.79 -11.65
N GLY A 439 -44.48 12.08 -12.42
CA GLY A 439 -43.53 11.17 -11.86
C GLY A 439 -42.74 10.49 -12.95
N VAL A 440 -42.06 9.41 -12.60
CA VAL A 440 -41.18 8.73 -13.53
C VAL A 440 -41.06 7.26 -13.13
N VAL A 441 -40.99 6.39 -14.13
CA VAL A 441 -40.67 4.98 -13.93
C VAL A 441 -39.16 4.85 -13.79
N ILE A 442 -38.70 4.34 -12.63
CA ILE A 442 -37.25 4.18 -12.37
C ILE A 442 -36.84 2.73 -12.61
N LYS A 443 -36.02 2.51 -13.63
CA LYS A 443 -35.67 1.16 -14.02
C LYS A 443 -34.61 0.54 -13.10
N ARG A 444 -34.79 -0.75 -12.81
CA ARG A 444 -33.90 -1.52 -11.96
C ARG A 444 -32.44 -1.31 -12.35
N ASN A 445 -31.59 -1.11 -11.34
CA ASN A 445 -30.13 -1.02 -11.50
C ASN A 445 -29.62 0.23 -12.21
N ARG A 446 -30.51 1.13 -12.60
CA ARG A 446 -30.09 2.37 -13.27
C ARG A 446 -29.74 3.46 -12.26
N LEU A 447 -28.60 4.08 -12.48
CA LEU A 447 -28.08 5.12 -11.60
C LEU A 447 -28.94 6.40 -11.69
N HIS A 448 -29.35 6.92 -10.55
CA HIS A 448 -30.21 8.10 -10.51
C HIS A 448 -30.13 8.77 -9.15
N GLY A 449 -30.56 10.03 -9.11
CA GLY A 449 -30.70 10.76 -7.85
C GLY A 449 -31.77 11.83 -8.00
N ALA A 450 -31.88 12.71 -7.01
CA ALA A 450 -32.85 13.79 -7.08
C ALA A 450 -32.50 14.96 -6.17
N ASN A 451 -33.03 16.13 -6.51
CA ASN A 451 -32.96 17.28 -5.60
C ASN A 451 -34.31 17.93 -5.52
N ILE A 452 -34.59 18.55 -4.38
CA ILE A 452 -35.88 19.21 -4.16
C ILE A 452 -35.73 20.68 -4.51
N GLU A 453 -36.58 21.15 -5.42
CA GLU A 453 -36.51 22.53 -5.92
C GLU A 453 -37.59 23.46 -5.36
N SER A 454 -38.57 22.92 -4.64
CA SER A 454 -39.61 23.72 -3.98
C SER A 454 -39.30 23.78 -2.48
N ASP A 455 -40.07 24.54 -1.71
CA ASP A 455 -39.81 24.64 -0.27
C ASP A 455 -39.88 23.26 0.37
N GLU A 456 -40.85 22.48 -0.10
CA GLU A 456 -41.07 21.13 0.37
C GLU A 456 -41.63 20.30 -0.79
N CYS A 457 -41.25 19.02 -0.86
CA CYS A 457 -41.79 18.11 -1.84
C CYS A 457 -42.30 16.87 -1.11
N VAL A 458 -43.55 16.51 -1.38
CA VAL A 458 -44.17 15.29 -0.87
C VAL A 458 -44.27 14.31 -2.02
N TYR A 459 -43.69 13.12 -1.86
CA TYR A 459 -43.72 12.13 -2.93
C TYR A 459 -43.73 10.70 -2.41
N GLU A 460 -43.96 9.78 -3.34
CA GLU A 460 -44.11 8.37 -3.03
C GLU A 460 -43.16 7.57 -3.92
N ILE A 461 -42.58 6.52 -3.36
CA ILE A 461 -41.84 5.53 -4.15
C ILE A 461 -42.57 4.20 -4.02
N HIS A 462 -43.09 3.69 -5.14
CA HIS A 462 -43.78 2.41 -5.18
C HIS A 462 -42.85 1.34 -5.75
N SER A 463 -42.63 0.28 -4.99
CA SER A 463 -41.76 -0.83 -5.42
C SER A 463 -42.57 -1.85 -6.25
N VAL A 464 -42.56 -1.66 -7.56
CA VAL A 464 -43.43 -2.43 -8.46
C VAL A 464 -42.79 -3.71 -9.00
N GLY A 465 -41.48 -3.86 -8.83
CA GLY A 465 -40.79 -5.06 -9.25
C GLY A 465 -40.47 -5.01 -10.73
N ASP A 466 -41.46 -5.35 -11.56
CA ASP A 466 -41.36 -5.25 -13.02
C ASP A 466 -42.48 -4.32 -13.48
N TYR A 467 -42.12 -3.11 -13.93
CA TYR A 467 -43.13 -2.09 -14.25
C TYR A 467 -44.08 -2.56 -15.36
N ARG A 468 -43.63 -3.49 -16.19
CA ARG A 468 -44.43 -3.95 -17.32
C ARG A 468 -45.69 -4.70 -16.88
N LYS A 469 -45.65 -5.29 -15.68
CA LYS A 469 -46.84 -5.92 -15.07
C LYS A 469 -47.95 -4.95 -14.68
N CYS A 470 -47.63 -3.67 -14.57
CA CYS A 470 -48.62 -2.62 -14.26
C CYS A 470 -49.28 -2.04 -15.50
N LEU A 471 -48.78 -2.38 -16.68
CA LEU A 471 -49.29 -1.83 -17.93
C LEU A 471 -50.51 -2.59 -18.43
N HIS B 3 -31.08 8.57 8.53
CA HIS B 3 -30.07 9.35 9.30
C HIS B 3 -28.72 8.66 9.28
N VAL B 4 -27.66 9.45 9.35
CA VAL B 4 -26.30 8.92 9.34
C VAL B 4 -25.95 8.44 10.75
N PRO B 5 -25.60 7.17 10.92
CA PRO B 5 -25.20 6.73 12.25
C PRO B 5 -23.99 7.51 12.75
N PRO B 6 -23.87 7.70 14.08
CA PRO B 6 -22.66 8.32 14.64
C PRO B 6 -21.38 7.56 14.26
N HIS B 7 -20.28 8.31 14.10
CA HIS B 7 -18.99 7.71 13.82
C HIS B 7 -18.33 7.29 15.13
N VAL B 8 -18.02 6.00 15.26
CA VAL B 8 -17.22 5.49 16.38
C VAL B 8 -15.75 5.61 16.00
N PRO B 9 -14.98 6.47 16.69
CA PRO B 9 -13.58 6.60 16.27
C PRO B 9 -12.79 5.29 16.40
N PHE B 10 -11.85 5.08 15.49
CA PHE B 10 -10.96 3.93 15.55
C PHE B 10 -10.24 3.95 16.89
N GLU B 11 -10.23 2.80 17.55
CA GLU B 11 -9.58 2.66 18.86
C GLU B 11 -9.09 1.23 19.03
N LEU B 12 -7.83 1.07 19.42
CA LEU B 12 -7.26 -0.24 19.69
C LEU B 12 -6.10 -0.07 20.66
N SER B 13 -6.29 -0.58 21.89
CA SER B 13 -5.31 -0.40 22.96
C SER B 13 -5.41 -1.53 23.97
N GLY B 14 -4.52 -1.52 24.96
CA GLY B 14 -4.58 -2.46 26.09
C GLY B 14 -4.52 -3.92 25.64
N ALA B 15 -5.32 -4.75 26.30
CA ALA B 15 -5.33 -6.19 26.03
C ALA B 15 -5.81 -6.51 24.62
N GLU B 16 -6.78 -5.75 24.11
CA GLU B 16 -7.26 -5.96 22.75
C GLU B 16 -6.13 -5.74 21.73
N LEU B 17 -5.32 -4.71 21.95
CA LEU B 17 -4.17 -4.43 21.08
C LEU B 17 -3.12 -5.54 21.19
N ARG B 18 -2.78 -5.95 22.43
N ARG B 18 -2.80 -5.95 22.43
CA ARG B 18 -1.84 -7.05 22.64
CA ARG B 18 -1.86 -7.06 22.65
C ARG B 18 -2.32 -8.30 21.89
C ARG B 18 -2.32 -8.32 21.92
N ASP B 19 -3.60 -8.64 22.04
CA ASP B 19 -4.17 -9.82 21.38
C ASP B 19 -4.09 -9.71 19.85
N ALA B 20 -4.31 -8.51 19.32
CA ALA B 20 -4.27 -8.27 17.86
C ALA B 20 -2.84 -8.39 17.31
N ILE B 21 -1.87 -7.92 18.07
CA ILE B 21 -0.46 -8.05 17.70
C ILE B 21 -0.06 -9.53 17.70
N VAL B 22 -0.44 -10.25 18.74
CA VAL B 22 -0.16 -11.69 18.82
C VAL B 22 -0.84 -12.44 17.68
N GLN B 23 -2.08 -12.05 17.37
CA GLN B 23 -2.84 -12.66 16.28
C GLN B 23 -2.08 -12.55 14.96
N TYR B 24 -1.62 -11.35 14.63
CA TYR B 24 -0.81 -11.15 13.43
C TYR B 24 0.43 -12.03 13.42
N ALA B 25 1.18 -12.01 14.53
CA ALA B 25 2.52 -12.57 14.58
C ALA B 25 2.58 -14.08 14.77
N THR B 26 1.44 -14.73 15.04
CA THR B 26 1.42 -16.18 15.25
C THR B 26 1.19 -16.98 13.96
N ASN B 27 1.02 -16.28 12.83
CA ASN B 27 1.12 -16.91 11.50
C ASN B 27 2.40 -17.78 11.48
N PRO B 28 2.30 -19.06 11.09
CA PRO B 28 3.48 -19.96 11.18
C PRO B 28 4.77 -19.47 10.53
N ILE B 29 4.66 -18.65 9.48
CA ILE B 29 5.83 -18.11 8.80
C ILE B 29 6.69 -17.19 9.69
N TYR B 30 6.15 -16.77 10.85
CA TYR B 30 6.85 -15.87 11.76
C TYR B 30 7.47 -16.55 12.98
N HIS B 31 7.30 -17.86 13.10
CA HIS B 31 7.83 -18.60 14.25
C HIS B 31 9.36 -18.72 14.21
N ASP B 32 9.95 -19.04 15.35
CA ASP B 32 11.41 -19.12 15.46
C ASP B 32 12.01 -20.07 14.41
N ASN B 33 13.11 -19.64 13.81
CA ASN B 33 13.89 -20.45 12.87
C ASN B 33 14.74 -21.45 13.65
N LEU B 34 14.87 -22.66 13.12
CA LEU B 34 15.77 -23.67 13.68
C LEU B 34 17.24 -23.47 13.26
N ASP B 35 17.47 -22.54 12.32
CA ASP B 35 18.82 -22.14 11.91
C ASP B 35 19.01 -20.63 12.08
N TRP B 36 20.24 -20.19 11.88
CA TRP B 36 20.62 -18.78 12.00
C TRP B 36 20.21 -17.93 10.80
N LEU B 37 19.99 -18.58 9.67
CA LEU B 37 19.75 -17.92 8.39
C LEU B 37 18.44 -18.39 7.77
N ASN B 38 17.78 -17.50 7.03
CA ASN B 38 16.70 -17.91 6.13
C ASN B 38 17.29 -18.35 4.79
N HIS B 39 16.94 -19.55 4.34
CA HIS B 39 17.53 -20.13 3.15
C HIS B 39 16.67 -19.93 1.90
N ASP B 40 16.89 -18.79 1.25
CA ASP B 40 16.16 -18.37 0.07
C ASP B 40 14.64 -18.52 0.23
N ASN B 41 14.12 -17.92 1.29
CA ASN B 41 12.68 -17.89 1.53
C ASN B 41 12.33 -16.51 2.03
N PRO B 42 11.83 -15.64 1.13
CA PRO B 42 11.56 -14.26 1.49
C PRO B 42 10.27 -14.08 2.28
N TYR B 43 9.55 -15.17 2.56
CA TYR B 43 8.25 -15.12 3.22
C TYR B 43 8.35 -15.39 4.72
N ARG B 44 9.50 -15.85 5.18
CA ARG B 44 9.70 -16.18 6.59
C ARG B 44 10.54 -15.11 7.28
N ARG B 45 9.97 -14.52 8.33
N ARG B 45 9.98 -14.54 8.34
CA ARG B 45 10.60 -13.46 9.12
CA ARG B 45 10.62 -13.48 9.12
C ARG B 45 10.36 -13.79 10.59
C ARG B 45 10.37 -13.79 10.58
N GLN B 46 11.42 -13.76 11.40
CA GLN B 46 11.32 -14.20 12.79
C GLN B 46 10.87 -13.06 13.70
N LEU B 47 9.65 -13.20 14.23
CA LEU B 47 9.03 -12.15 15.06
C LEU B 47 8.94 -12.52 16.55
N ARG B 48 9.47 -13.69 16.91
CA ARG B 48 9.46 -14.20 18.29
C ARG B 48 8.11 -13.97 18.97
N PRO B 49 7.05 -14.52 18.36
CA PRO B 49 5.69 -14.24 18.82
C PRO B 49 5.42 -14.68 20.26
N GLN B 50 6.17 -15.67 20.75
CA GLN B 50 6.04 -16.12 22.14
C GLN B 50 6.30 -15.02 23.20
N VAL B 51 7.07 -13.99 22.84
CA VAL B 51 7.37 -12.90 23.78
C VAL B 51 6.33 -11.77 23.69
N LEU B 52 5.61 -11.68 22.56
CA LEU B 52 4.74 -10.54 22.31
C LEU B 52 3.59 -10.31 23.31
N PRO B 53 3.03 -11.40 23.90
CA PRO B 53 1.98 -11.18 24.90
C PRO B 53 2.43 -10.38 26.14
N HIS B 54 3.74 -10.32 26.38
CA HIS B 54 4.29 -9.78 27.63
C HIS B 54 4.86 -8.37 27.53
N LEU B 55 4.69 -7.71 26.37
CA LEU B 55 5.20 -6.35 26.16
C LEU B 55 4.05 -5.35 26.32
N ASP B 56 4.37 -4.14 26.79
CA ASP B 56 3.35 -3.08 26.98
C ASP B 56 3.40 -2.09 25.81
N TYR B 57 2.50 -2.26 24.84
CA TYR B 57 2.50 -1.42 23.63
C TYR B 57 1.88 -0.04 23.85
N ASP B 58 1.22 0.16 24.98
CA ASP B 58 0.59 1.44 25.30
C ASP B 58 1.60 2.48 25.81
N LYS B 59 2.69 2.03 26.43
CA LYS B 59 3.69 2.94 26.96
C LYS B 59 4.78 3.18 25.93
N VAL B 60 4.67 4.30 25.23
CA VAL B 60 5.55 4.65 24.13
C VAL B 60 6.92 5.07 24.69
N PRO B 61 8.03 4.44 24.21
CA PRO B 61 9.35 4.76 24.72
C PRO B 61 9.88 6.10 24.22
N GLY B 62 10.68 6.74 25.06
CA GLY B 62 11.47 7.88 24.63
C GLY B 62 12.80 7.38 24.07
N ARG B 63 13.61 8.31 23.59
CA ARG B 63 14.85 7.95 22.90
C ARG B 63 15.81 7.13 23.75
N GLU B 64 15.88 7.42 25.05
CA GLU B 64 16.76 6.66 25.95
C GLU B 64 16.45 5.15 25.96
N ASN B 65 15.22 4.78 25.64
CA ASN B 65 14.79 3.37 25.64
C ASN B 65 14.48 2.75 24.27
N ILE B 66 14.80 3.43 23.18
CA ILE B 66 14.39 2.89 21.87
C ILE B 66 15.27 1.77 21.34
N LEU B 67 16.35 1.42 22.05
CA LEU B 67 17.08 0.19 21.73
C LEU B 67 16.73 -0.98 22.69
N ASN B 68 15.71 -0.78 23.51
CA ASN B 68 15.20 -1.87 24.34
C ASN B 68 14.51 -2.93 23.48
N TYR B 69 14.32 -4.11 24.06
CA TYR B 69 13.80 -5.23 23.29
C TYR B 69 12.43 -4.96 22.67
N ALA B 70 11.50 -4.36 23.42
CA ALA B 70 10.16 -4.09 22.86
C ALA B 70 10.25 -3.28 21.58
N SER B 71 11.20 -2.35 21.51
CA SER B 71 11.42 -1.57 20.30
C SER B 71 11.95 -2.43 19.15
N LEU B 72 12.89 -3.34 19.42
CA LEU B 72 13.36 -4.27 18.39
C LEU B 72 12.21 -5.14 17.89
N ALA B 73 11.40 -5.62 18.81
CA ALA B 73 10.27 -6.48 18.46
C ALA B 73 9.28 -5.76 17.54
N VAL B 74 9.02 -4.49 17.86
CA VAL B 74 8.10 -3.67 17.08
C VAL B 74 8.69 -3.34 15.71
N GLN B 75 10.00 -3.09 15.64
CA GLN B 75 10.65 -2.83 14.34
C GLN B 75 10.54 -4.05 13.43
N ARG B 76 10.73 -5.25 13.99
CA ARG B 76 10.59 -6.49 13.23
C ARG B 76 9.16 -6.66 12.71
N LEU B 77 8.18 -6.41 13.58
CA LEU B 77 6.77 -6.43 13.19
C LEU B 77 6.48 -5.45 12.06
N LEU B 78 6.94 -4.22 12.21
CA LEU B 78 6.66 -3.18 11.22
C LEU B 78 7.27 -3.51 9.86
N THR B 79 8.51 -4.00 9.86
CA THR B 79 9.14 -4.38 8.59
C THR B 79 8.27 -5.40 7.85
N SER B 80 7.80 -6.41 8.58
CA SER B 80 6.95 -7.43 8.01
C SER B 80 5.62 -6.87 7.48
N VAL B 81 5.02 -5.95 8.23
CA VAL B 81 3.75 -5.33 7.83
C VAL B 81 3.93 -4.51 6.55
N TYR B 82 4.96 -3.66 6.51
CA TYR B 82 5.22 -2.86 5.32
C TYR B 82 5.51 -3.72 4.10
N GLU B 83 6.24 -4.81 4.30
CA GLU B 83 6.72 -5.61 3.18
C GLU B 83 5.64 -6.47 2.53
N ALA B 84 4.46 -6.60 3.16
CA ALA B 84 3.36 -7.28 2.48
C ALA B 84 2.95 -6.56 1.19
N ASP B 85 3.29 -5.27 1.05
CA ASP B 85 3.04 -4.48 -0.16
C ASP B 85 4.10 -4.64 -1.24
N LEU B 86 5.21 -5.29 -0.90
CA LEU B 86 6.32 -5.45 -1.83
C LEU B 86 6.25 -6.86 -2.43
N VAL B 87 6.61 -6.97 -3.71
CA VAL B 87 6.69 -8.27 -4.40
C VAL B 87 8.06 -8.92 -4.20
N PHE B 88 8.06 -10.15 -3.67
CA PHE B 88 9.27 -10.97 -3.54
C PHE B 88 9.00 -12.34 -4.11
N PHE B 89 9.97 -12.87 -4.85
CA PHE B 89 10.03 -14.29 -5.19
C PHE B 89 11.40 -14.82 -4.79
N PRO B 90 11.49 -16.11 -4.44
CA PRO B 90 12.79 -16.68 -4.11
C PRO B 90 13.70 -16.64 -5.32
N LYS B 91 15.01 -16.55 -5.09
CA LYS B 91 16.00 -16.59 -6.17
C LYS B 91 15.86 -17.88 -6.98
N SER B 92 15.55 -18.97 -6.30
CA SER B 92 15.41 -20.28 -6.93
C SER B 92 14.02 -20.54 -7.53
N GLY B 93 13.16 -19.53 -7.49
CA GLY B 93 11.79 -19.64 -8.00
C GLY B 93 10.81 -20.06 -6.93
N LEU B 94 9.53 -19.97 -7.25
CA LEU B 94 8.47 -20.17 -6.30
C LEU B 94 8.22 -21.65 -6.01
N LYS B 95 8.68 -22.54 -6.89
CA LYS B 95 8.44 -23.97 -6.75
C LYS B 95 8.83 -24.46 -5.37
N GLY B 96 7.89 -25.08 -4.67
CA GLY B 96 8.11 -25.59 -3.33
C GLY B 96 7.98 -24.60 -2.20
N LYS B 97 7.66 -23.34 -2.52
CA LYS B 97 7.47 -22.29 -1.51
C LYS B 97 6.10 -21.62 -1.64
N GLU B 98 5.18 -22.27 -2.34
CA GLU B 98 3.83 -21.71 -2.62
C GLU B 98 3.00 -21.49 -1.35
N GLU B 99 3.09 -22.41 -0.39
CA GLU B 99 2.31 -22.28 0.84
C GLU B 99 2.74 -21.05 1.64
N ASP B 100 4.05 -20.83 1.76
CA ASP B 100 4.56 -19.66 2.47
C ASP B 100 4.20 -18.36 1.74
N PHE B 101 4.31 -18.38 0.42
CA PHE B 101 3.88 -17.27 -0.47
C PHE B 101 2.43 -16.87 -0.16
N ARG B 102 1.56 -17.86 -0.09
CA ARG B 102 0.14 -17.61 0.19
C ARG B 102 -0.13 -17.23 1.66
N ALA B 103 0.76 -17.63 2.58
CA ALA B 103 0.64 -17.24 3.98
C ALA B 103 1.00 -15.77 4.23
N PHE B 104 1.95 -15.25 3.45
CA PHE B 104 2.40 -13.86 3.55
C PHE B 104 1.46 -12.97 2.76
N TYR B 105 1.19 -13.32 1.51
CA TYR B 105 0.25 -12.57 0.68
C TYR B 105 -1.13 -13.19 0.80
N SER B 106 -1.80 -12.88 1.92
CA SER B 106 -3.20 -13.29 2.12
C SER B 106 -4.01 -12.11 2.61
N PRO B 107 -5.33 -12.15 2.38
CA PRO B 107 -6.20 -11.12 2.94
C PRO B 107 -6.07 -11.00 4.46
N ALA B 108 -5.97 -12.14 5.14
CA ALA B 108 -5.82 -12.18 6.60
C ALA B 108 -4.51 -11.54 7.07
N ASN B 109 -3.39 -11.92 6.46
CA ASN B 109 -2.09 -11.42 6.93
C ASN B 109 -2.02 -9.91 6.76
N ARG B 110 -2.52 -9.42 5.63
CA ARG B 110 -2.58 -7.98 5.38
C ARG B 110 -3.50 -7.24 6.36
N ALA B 111 -4.71 -7.75 6.56
CA ALA B 111 -5.69 -7.09 7.43
C ALA B 111 -5.23 -7.06 8.89
N LEU B 112 -4.66 -8.16 9.35
CA LEU B 112 -4.16 -8.24 10.73
C LEU B 112 -3.02 -7.26 10.96
N GLY B 113 -2.11 -7.15 10.00
CA GLY B 113 -0.99 -6.22 10.10
C GLY B 113 -1.43 -4.77 9.99
N GLU B 114 -2.37 -4.50 9.10
CA GLU B 114 -2.85 -3.13 8.93
C GLU B 114 -3.64 -2.63 10.14
N ARG B 115 -4.33 -3.52 10.85
CA ARG B 115 -5.10 -3.11 12.02
C ARG B 115 -4.20 -2.60 13.15
N ILE B 116 -3.04 -3.22 13.29
CA ILE B 116 -2.08 -2.87 14.33
C ILE B 116 -1.07 -1.80 13.91
N ARG B 117 -1.05 -1.45 12.61
CA ARG B 117 -0.03 -0.53 12.11
C ARG B 117 -0.04 0.85 12.82
N PRO B 118 -1.24 1.43 13.07
CA PRO B 118 -1.22 2.70 13.79
C PRO B 118 -0.50 2.64 15.15
N ALA B 119 -0.80 1.61 15.95
CA ALA B 119 -0.18 1.47 17.27
C ALA B 119 1.31 1.17 17.17
N LEU B 120 1.69 0.35 16.21
CA LEU B 120 3.11 0.04 16.00
C LEU B 120 3.88 1.29 15.62
N GLU B 121 3.29 2.13 14.77
CA GLU B 121 3.95 3.37 14.35
C GLU B 121 4.10 4.37 15.48
N ARG B 122 3.10 4.49 16.36
CA ARG B 122 3.25 5.32 17.56
C ARG B 122 4.39 4.80 18.44
N TYR B 123 4.45 3.49 18.62
CA TYR B 123 5.51 2.89 19.44
C TYR B 123 6.91 3.12 18.85
N ALA B 124 7.02 2.96 17.53
CA ALA B 124 8.28 3.05 16.79
C ALA B 124 8.80 4.47 16.64
N PHE B 125 7.89 5.41 16.39
CA PHE B 125 8.26 6.76 15.97
C PHE B 125 7.79 7.86 16.91
N GLY B 126 7.03 7.52 17.95
CA GLY B 126 6.51 8.51 18.89
C GLY B 126 7.57 9.40 19.53
N PHE B 127 8.73 8.80 19.85
CA PHE B 127 9.83 9.52 20.51
C PHE B 127 10.29 10.73 19.70
N LEU B 128 10.10 10.70 18.38
CA LEU B 128 10.55 11.78 17.52
C LEU B 128 9.82 13.10 17.79
N ASP B 129 8.60 13.02 18.32
CA ASP B 129 7.84 14.21 18.72
C ASP B 129 8.64 15.09 19.69
N ASP B 130 9.40 14.45 20.58
CA ASP B 130 10.20 15.15 21.60
C ASP B 130 11.66 15.41 21.20
N GLU B 131 12.13 14.76 20.13
CA GLU B 131 13.50 14.93 19.64
C GLU B 131 13.67 16.04 18.61
N VAL B 132 12.57 16.41 17.97
N VAL B 132 12.59 16.39 17.93
CA VAL B 132 12.56 17.43 16.92
CA VAL B 132 12.61 17.46 16.93
C VAL B 132 11.49 18.46 17.28
C VAL B 132 11.48 18.45 17.24
N GLU B 133 11.78 19.74 17.06
CA GLU B 133 10.85 20.84 17.39
C GLU B 133 10.35 21.52 16.13
N THR B 137 5.92 28.61 12.74
CA THR B 137 5.67 29.10 11.38
C THR B 137 6.97 29.48 10.66
N TRP B 138 6.99 29.23 9.36
CA TRP B 138 8.17 29.45 8.51
C TRP B 138 7.80 30.28 7.29
N THR B 139 8.80 30.78 6.58
CA THR B 139 8.58 31.43 5.29
C THR B 139 9.54 30.81 4.28
N ALA B 140 9.25 31.00 2.99
CA ALA B 140 10.14 30.52 1.93
C ALA B 140 11.56 31.04 2.13
N GLN B 141 11.66 32.29 2.58
CA GLN B 141 12.93 32.93 2.91
C GLN B 141 13.72 32.15 3.96
N SER B 142 13.10 31.90 5.11
CA SER B 142 13.80 31.23 6.21
C SER B 142 14.10 29.76 5.90
N LEU B 143 13.26 29.11 5.10
CA LEU B 143 13.54 27.76 4.62
C LEU B 143 14.83 27.75 3.79
N ASP B 144 15.01 28.73 2.90
CA ASP B 144 16.23 28.82 2.09
C ASP B 144 17.50 28.92 2.96
N ALA B 145 17.43 29.76 4.01
CA ALA B 145 18.54 29.95 4.94
C ALA B 145 18.86 28.62 5.63
N TYR B 146 17.81 27.93 6.08
CA TYR B 146 17.95 26.64 6.74
C TYR B 146 18.63 25.60 5.84
N LEU B 147 18.10 25.39 4.64
CA LEU B 147 18.70 24.43 3.71
C LEU B 147 20.15 24.78 3.40
N ASP B 148 20.43 26.08 3.29
CA ASP B 148 21.79 26.59 3.04
C ASP B 148 22.75 26.25 4.19
N SER B 149 22.23 26.20 5.42
CA SER B 149 23.03 25.96 6.62
C SER B 149 23.42 24.49 6.83
N LEU B 150 22.89 23.58 6.02
CA LEU B 150 23.12 22.14 6.19
C LEU B 150 24.46 21.70 5.57
N ASP B 151 25.23 20.91 6.35
CA ASP B 151 26.52 20.38 5.90
C ASP B 151 26.41 18.89 5.57
N GLU B 157 38.04 14.13 9.45
CA GLU B 157 36.97 13.60 10.28
C GLU B 157 36.39 12.29 9.70
N GLN B 158 36.86 11.16 10.23
CA GLN B 158 36.24 9.86 9.91
C GLN B 158 34.81 9.83 10.42
N SER B 159 33.91 9.27 9.61
CA SER B 159 32.51 9.09 10.01
C SER B 159 32.42 8.00 11.08
N PRO B 160 31.31 7.96 11.84
CA PRO B 160 31.19 6.91 12.84
C PRO B 160 31.35 5.48 12.30
N VAL B 161 30.79 5.21 11.13
N VAL B 161 30.82 5.21 11.10
CA VAL B 161 30.90 3.86 10.56
CA VAL B 161 30.92 3.86 10.52
C VAL B 161 32.34 3.53 10.16
C VAL B 161 32.35 3.53 10.14
N GLU B 162 33.05 4.51 9.58
CA GLU B 162 34.48 4.36 9.27
C GLU B 162 35.27 4.03 10.54
N LYS B 163 35.02 4.77 11.61
CA LYS B 163 35.69 4.52 12.89
C LYS B 163 35.41 3.12 13.41
N ALA B 164 34.14 2.70 13.35
CA ALA B 164 33.74 1.40 13.88
C ALA B 164 34.36 0.25 13.10
N ILE B 165 34.36 0.35 11.77
CA ILE B 165 34.90 -0.74 10.95
C ILE B 165 36.44 -0.73 10.93
N LEU B 166 37.04 0.43 10.67
CA LEU B 166 38.49 0.51 10.56
C LEU B 166 39.17 0.41 11.92
N GLY B 167 38.40 0.65 12.99
CA GLY B 167 38.88 0.44 14.36
C GLY B 167 38.63 -0.95 14.92
N SER B 168 38.01 -1.83 14.15
CA SER B 168 37.64 -3.15 14.65
C SER B 168 38.81 -4.10 14.75
N ALA B 169 38.74 -4.99 15.75
CA ALA B 169 39.61 -6.15 15.87
C ALA B 169 39.56 -7.09 14.67
N ASP B 170 38.44 -7.08 13.93
CA ASP B 170 38.27 -7.90 12.73
C ASP B 170 37.51 -7.04 11.71
N ARG B 171 38.28 -6.35 10.87
CA ARG B 171 37.75 -5.38 9.92
C ARG B 171 36.80 -6.01 8.90
N GLU B 172 37.19 -7.16 8.36
CA GLU B 172 36.35 -7.86 7.36
C GLU B 172 35.01 -8.26 7.96
N ARG B 173 35.04 -8.81 9.17
CA ARG B 173 33.80 -9.18 9.85
C ARG B 173 32.93 -7.95 10.12
N ALA B 174 33.56 -6.87 10.58
CA ALA B 174 32.80 -5.66 10.87
C ALA B 174 32.12 -5.11 9.60
N ALA B 175 32.87 -5.10 8.50
CA ALA B 175 32.33 -4.63 7.23
C ALA B 175 31.22 -5.53 6.69
N ARG B 176 31.35 -6.85 6.84
CA ARG B 176 30.25 -7.74 6.41
C ARG B 176 28.98 -7.51 7.24
N MET B 177 29.16 -7.31 8.55
CA MET B 177 28.05 -7.01 9.43
C MET B 177 27.35 -5.71 9.01
N TRP B 178 28.15 -4.72 8.61
CA TRP B 178 27.63 -3.47 8.09
C TRP B 178 26.83 -3.67 6.80
N LEU B 179 27.42 -4.39 5.86
CA LEU B 179 26.79 -4.56 4.55
C LEU B 179 25.42 -5.25 4.64
N VAL B 180 25.27 -6.24 5.51
CA VAL B 180 23.97 -6.95 5.57
C VAL B 180 22.87 -6.05 6.15
N GLN B 181 23.24 -5.01 6.89
CA GLN B 181 22.25 -4.06 7.41
C GLN B 181 21.45 -3.38 6.28
N PHE B 182 22.10 -3.24 5.13
CA PHE B 182 21.48 -2.54 4.00
C PHE B 182 20.65 -3.43 3.09
N ALA B 183 20.65 -4.74 3.31
CA ALA B 183 20.01 -5.65 2.38
C ALA B 183 18.54 -5.29 2.10
N PRO B 184 17.72 -5.05 3.15
CA PRO B 184 16.32 -4.72 2.87
C PRO B 184 16.12 -3.43 2.08
N ASP B 185 17.00 -2.46 2.29
CA ASP B 185 16.90 -1.15 1.65
C ASP B 185 17.41 -1.28 0.20
N PHE B 186 18.69 -1.63 0.06
CA PHE B 186 19.32 -1.59 -1.25
C PHE B 186 18.80 -2.67 -2.21
N LEU B 187 18.46 -3.86 -1.72
CA LEU B 187 17.98 -4.90 -2.64
C LEU B 187 16.57 -4.60 -3.14
N SER B 188 15.79 -3.85 -2.37
CA SER B 188 14.47 -3.34 -2.79
C SER B 188 14.55 -1.83 -3.11
N GLU B 189 15.69 -1.40 -3.64
CA GLU B 189 16.01 0.03 -3.79
C GLU B 189 14.87 0.84 -4.39
N ALA B 190 14.55 1.95 -3.74
CA ALA B 190 13.53 2.90 -4.19
C ALA B 190 12.08 2.46 -3.95
N SER B 191 11.87 1.27 -3.39
CA SER B 191 10.49 0.82 -3.11
C SER B 191 9.68 1.79 -2.25
N PRO B 192 10.23 2.26 -1.12
CA PRO B 192 9.43 3.23 -0.34
C PRO B 192 9.17 4.53 -1.11
N MET B 193 10.14 4.98 -1.88
CA MET B 193 10.00 6.20 -2.68
C MET B 193 8.91 6.05 -3.76
N MET B 194 8.81 4.84 -4.32
N MET B 194 8.80 4.85 -4.33
CA MET B 194 7.79 4.54 -5.33
CA MET B 194 7.78 4.59 -5.35
C MET B 194 6.38 4.77 -4.78
C MET B 194 6.35 4.72 -4.79
N ARG B 195 6.20 4.58 -3.47
CA ARG B 195 4.89 4.78 -2.85
C ARG B 195 4.34 6.20 -3.09
N ASN B 196 5.23 7.17 -3.27
CA ASN B 196 4.80 8.57 -3.52
C ASN B 196 4.45 8.93 -4.93
N VAL B 197 4.68 8.03 -5.88
CA VAL B 197 4.38 8.32 -7.28
C VAL B 197 3.01 7.85 -7.71
N LEU B 198 2.32 7.05 -6.88
CA LEU B 198 0.95 6.63 -7.19
C LEU B 198 0.03 7.80 -6.95
N GLY B 199 -0.92 7.99 -7.87
CA GLY B 199 -1.94 9.02 -7.72
C GLY B 199 -1.96 10.05 -8.83
N TYR B 200 -2.35 11.27 -8.46
CA TYR B 200 -2.64 12.33 -9.41
C TYR B 200 -2.44 13.66 -8.69
N TYR B 201 -1.27 14.24 -8.91
CA TYR B 201 -0.99 15.53 -8.36
C TYR B 201 -0.17 16.34 -9.35
N GLY B 202 0.48 17.41 -8.90
CA GLY B 202 1.04 18.36 -9.86
C GLY B 202 2.31 17.89 -10.57
N PRO B 203 3.00 18.83 -11.23
CA PRO B 203 4.31 18.60 -11.84
C PRO B 203 5.31 17.91 -10.91
N ALA B 204 5.18 18.10 -9.60
CA ALA B 204 6.08 17.44 -8.65
C ALA B 204 6.02 15.91 -8.75
N GLN B 205 4.87 15.37 -9.14
CA GLN B 205 4.73 13.92 -9.30
C GLN B 205 5.73 13.35 -10.31
N SER B 206 5.86 14.01 -11.45
CA SER B 206 6.82 13.61 -12.49
C SER B 206 8.29 13.79 -12.05
N GLU B 207 8.55 14.81 -11.24
CA GLU B 207 9.89 15.02 -10.67
C GLU B 207 10.25 13.91 -9.68
N TRP B 208 9.32 13.54 -8.80
N TRP B 208 9.29 13.55 -8.82
CA TRP B 208 9.50 12.37 -7.92
CA TRP B 208 9.46 12.42 -7.92
C TRP B 208 9.80 11.12 -8.74
C TRP B 208 9.74 11.13 -8.70
N PHE B 209 9.00 10.92 -9.79
CA PHE B 209 9.14 9.75 -10.64
C PHE B 209 10.54 9.68 -11.29
N LYS B 210 11.06 10.83 -11.71
CA LYS B 210 12.41 10.88 -12.28
C LYS B 210 13.48 10.34 -11.32
N VAL B 211 13.34 10.68 -10.03
CA VAL B 211 14.29 10.21 -9.01
C VAL B 211 14.20 8.68 -8.87
N VAL B 212 12.97 8.18 -8.82
CA VAL B 212 12.73 6.74 -8.71
C VAL B 212 13.33 6.01 -9.91
N ILE B 213 13.11 6.54 -11.12
CA ILE B 213 13.67 5.93 -12.33
C ILE B 213 15.18 5.77 -12.20
N ASP B 214 15.85 6.80 -11.68
N ASP B 214 15.84 6.80 -11.67
CA ASP B 214 17.31 6.80 -11.56
CA ASP B 214 17.30 6.81 -11.56
C ASP B 214 17.85 5.80 -10.56
C ASP B 214 17.86 5.90 -10.48
N GLU B 215 17.00 5.25 -9.70
CA GLU B 215 17.41 4.15 -8.85
C GLU B 215 17.11 2.79 -9.48
N THR B 223 22.36 -0.88 -15.58
CA THR B 223 22.15 -1.92 -14.58
C THR B 223 21.39 -1.38 -13.35
N LYS B 224 20.31 -2.06 -12.98
CA LYS B 224 19.51 -1.73 -11.80
C LYS B 224 20.40 -1.72 -10.55
N HIS B 225 20.22 -0.71 -9.69
CA HIS B 225 21.11 -0.53 -8.55
C HIS B 225 21.05 -1.70 -7.57
N SER B 226 19.88 -2.32 -7.39
CA SER B 226 19.82 -3.52 -6.54
C SER B 226 20.76 -4.62 -7.06
N THR B 227 20.85 -4.79 -8.37
CA THR B 227 21.74 -5.77 -8.98
C THR B 227 23.21 -5.45 -8.69
N LEU B 228 23.57 -4.17 -8.72
CA LEU B 228 24.92 -3.76 -8.34
C LEU B 228 25.21 -4.10 -6.88
N PHE B 229 24.24 -3.90 -5.98
CA PHE B 229 24.48 -4.25 -4.59
C PHE B 229 24.58 -5.77 -4.40
N GLU B 230 23.84 -6.54 -5.20
CA GLU B 230 24.02 -8.01 -5.20
C GLU B 230 25.49 -8.36 -5.43
N ARG B 231 26.12 -7.69 -6.40
N ARG B 231 26.11 -7.69 -6.40
CA ARG B 231 27.52 -7.94 -6.72
CA ARG B 231 27.51 -7.95 -6.73
C ARG B 231 28.46 -7.57 -5.59
C ARG B 231 28.47 -7.56 -5.60
N THR B 232 28.18 -6.47 -4.89
CA THR B 232 28.96 -6.09 -3.72
C THR B 232 28.90 -7.22 -2.68
N LEU B 233 27.69 -7.66 -2.33
CA LEU B 233 27.52 -8.72 -1.34
C LEU B 233 28.27 -10.00 -1.74
N GLU B 234 28.06 -10.43 -2.98
CA GLU B 234 28.66 -11.67 -3.46
C GLU B 234 30.19 -11.58 -3.50
N SER B 235 30.73 -10.39 -3.76
CA SER B 235 32.18 -10.21 -3.85
C SER B 235 32.89 -10.38 -2.52
N VAL B 236 32.16 -10.28 -1.41
CA VAL B 236 32.74 -10.47 -0.07
C VAL B 236 32.21 -11.74 0.63
N GLY B 237 31.59 -12.63 -0.15
CA GLY B 237 31.15 -13.93 0.34
C GLY B 237 29.80 -13.96 1.01
N LEU B 238 29.02 -12.89 0.83
CA LEU B 238 27.64 -12.83 1.35
C LEU B 238 26.66 -13.15 0.23
N GLU B 239 25.42 -13.46 0.61
CA GLU B 239 24.38 -13.83 -0.35
C GLU B 239 23.36 -12.71 -0.44
N SER B 240 22.65 -12.65 -1.56
CA SER B 240 21.72 -11.54 -1.83
C SER B 240 20.25 -11.95 -1.83
N ASP B 241 19.91 -13.07 -1.19
CA ASP B 241 18.48 -13.45 -1.05
C ASP B 241 17.88 -12.81 0.19
N LEU B 242 16.70 -12.21 0.05
CA LEU B 242 16.03 -11.60 1.22
C LEU B 242 15.22 -12.68 1.99
N HIS B 243 15.15 -12.67 3.33
CA HIS B 243 16.03 -11.95 4.27
C HIS B 243 16.93 -12.98 4.95
N ARG B 244 17.92 -13.43 4.21
CA ARG B 244 18.84 -14.44 4.73
C ARG B 244 19.35 -14.07 6.12
N TYR B 245 19.75 -12.81 6.26
CA TYR B 245 20.42 -12.31 7.46
C TYR B 245 19.46 -11.61 8.44
N TRP B 246 18.17 -11.95 8.38
CA TRP B 246 17.17 -11.34 9.26
C TRP B 246 17.61 -11.23 10.72
N GLN B 247 18.14 -12.32 11.27
CA GLN B 247 18.52 -12.33 12.70
C GLN B 247 19.73 -11.47 13.04
N TYR B 248 20.42 -10.96 12.02
CA TYR B 248 21.55 -10.07 12.21
C TYR B 248 21.22 -8.60 11.89
N TYR B 249 19.97 -8.31 11.51
CA TYR B 249 19.53 -6.95 11.32
C TYR B 249 19.39 -6.23 12.67
N LEU B 250 20.12 -5.15 12.85
CA LEU B 250 20.04 -4.36 14.07
C LEU B 250 18.73 -3.59 14.13
N ASN B 251 18.27 -3.36 15.36
CA ASN B 251 17.12 -2.52 15.64
C ASN B 251 17.16 -1.22 14.81
N SER B 252 18.29 -0.51 14.91
CA SER B 252 18.41 0.79 14.25
C SER B 252 18.36 0.71 12.72
N SER B 253 18.83 -0.39 12.14
CA SER B 253 18.77 -0.57 10.68
C SER B 253 17.32 -0.72 10.22
N LEU B 254 16.56 -1.53 10.95
CA LEU B 254 15.14 -1.70 10.69
C LEU B 254 14.40 -0.40 10.86
N LEU B 255 14.74 0.35 11.91
CA LEU B 255 14.15 1.67 12.19
C LEU B 255 14.32 2.64 11.01
N LEU B 256 15.53 2.73 10.49
N LEU B 256 15.54 2.72 10.48
CA LEU B 256 15.83 3.62 9.35
CA LEU B 256 15.80 3.62 9.35
C LEU B 256 15.06 3.21 8.09
C LEU B 256 15.01 3.21 8.12
N ASN B 257 15.03 1.92 7.78
CA ASN B 257 14.28 1.42 6.62
C ASN B 257 12.77 1.67 6.81
N ASN B 258 12.30 1.36 8.00
CA ASN B 258 10.87 1.51 8.31
C ASN B 258 10.41 2.95 8.24
N TYR B 259 11.27 3.87 8.63
CA TYR B 259 10.92 5.30 8.58
C TYR B 259 10.51 5.71 7.18
N PHE B 260 11.20 5.23 6.16
CA PHE B 260 10.85 5.60 4.80
C PHE B 260 9.57 4.93 4.29
N HIS B 261 9.29 3.71 4.75
CA HIS B 261 7.99 3.11 4.42
C HIS B 261 6.86 3.86 5.10
N TYR B 262 7.10 4.24 6.35
CA TYR B 262 6.17 5.11 7.10
C TYR B 262 5.84 6.40 6.37
N LEU B 263 6.87 7.13 5.93
CA LEU B 263 6.65 8.38 5.20
C LEU B 263 5.94 8.13 3.86
N GLY B 264 6.31 7.05 3.19
CA GLY B 264 5.75 6.74 1.87
C GLY B 264 4.32 6.19 1.88
N LYS B 265 3.97 5.42 2.90
CA LYS B 265 2.63 4.81 2.99
C LYS B 265 1.59 5.81 3.47
N ASN B 266 2.03 6.76 4.30
CA ASN B 266 1.13 7.67 5.00
C ASN B 266 1.22 9.05 4.39
N HIS B 267 0.31 9.35 3.46
CA HIS B 267 0.50 10.54 2.63
C HIS B 267 0.28 11.88 3.33
N GLU B 268 -0.25 11.84 4.55
CA GLU B 268 -0.24 13.05 5.39
C GLU B 268 1.21 13.46 5.71
N LEU B 269 2.14 12.52 5.55
CA LEU B 269 3.57 12.76 5.78
C LEU B 269 4.36 13.02 4.49
N PHE B 270 3.65 13.24 3.38
CA PHE B 270 4.30 13.44 2.07
C PHE B 270 5.37 14.53 2.13
N PHE B 271 5.08 15.63 2.80
CA PHE B 271 6.01 16.76 2.85
C PHE B 271 7.26 16.45 3.70
N ARG B 272 7.11 15.62 4.72
CA ARG B 272 8.29 15.09 5.43
C ARG B 272 9.19 14.30 4.47
N TYR B 273 8.60 13.50 3.60
CA TYR B 273 9.38 12.73 2.65
C TYR B 273 10.11 13.67 1.69
N VAL B 274 9.45 14.75 1.29
CA VAL B 274 10.08 15.76 0.43
C VAL B 274 11.38 16.28 1.09
N GLY B 275 11.30 16.60 2.38
CA GLY B 275 12.48 17.06 3.12
C GLY B 275 13.56 16.00 3.22
N ALA B 276 13.16 14.80 3.63
CA ALA B 276 14.11 13.69 3.76
C ALA B 276 14.79 13.38 2.43
N LEU B 277 14.05 13.47 1.32
CA LEU B 277 14.65 13.29 -0.02
C LEU B 277 15.74 14.31 -0.30
N TYR B 278 15.46 15.57 -0.03
CA TYR B 278 16.45 16.60 -0.26
C TYR B 278 17.74 16.28 0.53
N TYR B 279 17.57 15.95 1.81
CA TYR B 279 18.73 15.71 2.67
C TYR B 279 19.52 14.46 2.25
N THR B 280 18.82 13.37 1.92
CA THR B 280 19.50 12.14 1.51
C THR B 280 20.26 12.33 0.19
N GLU B 281 19.67 13.03 -0.77
CA GLU B 281 20.37 13.29 -2.04
C GLU B 281 21.61 14.14 -1.80
N SER B 282 21.46 15.15 -0.96
N SER B 282 21.49 15.16 -0.95
CA SER B 282 22.56 16.07 -0.62
CA SER B 282 22.62 16.07 -0.66
C SER B 282 23.71 15.43 0.17
C SER B 282 23.72 15.46 0.22
N SER B 283 23.43 14.31 0.85
CA SER B 283 24.44 13.55 1.64
C SER B 283 24.97 12.30 0.92
N LEU B 284 24.39 11.98 -0.24
CA LEU B 284 24.66 10.70 -0.90
C LEU B 284 26.12 10.53 -1.36
N VAL B 285 26.67 11.58 -1.97
CA VAL B 285 28.03 11.50 -2.54
C VAL B 285 29.08 11.25 -1.46
N ASP B 286 28.97 11.97 -0.34
CA ASP B 286 29.88 11.78 0.79
C ASP B 286 29.76 10.35 1.33
N PHE B 287 28.52 9.86 1.46
CA PHE B 287 28.28 8.49 1.92
C PHE B 287 28.95 7.45 1.00
N CYS B 288 28.74 7.60 -0.30
CA CYS B 288 29.27 6.63 -1.26
C CYS B 288 30.80 6.68 -1.38
N ARG B 289 31.36 7.89 -1.33
CA ARG B 289 32.82 8.04 -1.33
C ARG B 289 33.46 7.32 -0.15
N ARG B 290 32.90 7.53 1.04
CA ARG B 290 33.40 6.87 2.24
C ARG B 290 33.23 5.35 2.18
N ALA B 291 32.09 4.89 1.68
CA ALA B 291 31.82 3.46 1.56
C ALA B 291 32.81 2.79 0.61
N ASP B 292 33.04 3.41 -0.54
CA ASP B 292 34.00 2.90 -1.52
C ASP B 292 35.41 2.78 -0.92
N HIS B 293 35.90 3.87 -0.31
CA HIS B 293 37.23 3.90 0.30
C HIS B 293 37.36 2.85 1.41
N LEU B 294 36.37 2.78 2.30
CA LEU B 294 36.48 1.87 3.44
C LEU B 294 36.45 0.42 2.95
N LEU B 295 35.57 0.09 2.02
CA LEU B 295 35.50 -1.28 1.51
C LEU B 295 36.78 -1.70 0.78
N ARG B 296 37.36 -0.80 -0.01
CA ARG B 296 38.63 -1.08 -0.68
C ARG B 296 39.77 -1.31 0.33
N GLU B 297 39.79 -0.51 1.40
CA GLU B 297 40.80 -0.68 2.44
C GLU B 297 40.65 -2.03 3.16
N VAL B 298 39.41 -2.40 3.44
CA VAL B 298 39.14 -3.62 4.21
C VAL B 298 39.39 -4.88 3.37
N PHE B 299 38.89 -4.90 2.14
CA PHE B 299 38.84 -6.12 1.33
C PHE B 299 39.85 -6.18 0.19
N GLY B 300 40.43 -5.04 -0.18
CA GLY B 300 41.35 -4.98 -1.30
C GLY B 300 40.65 -5.09 -2.64
N ASP B 301 41.37 -5.62 -3.63
CA ASP B 301 40.92 -5.70 -5.02
C ASP B 301 39.66 -6.50 -5.27
N THR B 302 39.37 -7.45 -4.39
CA THR B 302 38.30 -8.42 -4.64
C THR B 302 36.88 -7.87 -4.43
N VAL B 303 36.71 -6.80 -3.65
CA VAL B 303 35.37 -6.25 -3.44
C VAL B 303 34.90 -5.43 -4.65
N ASP B 304 33.63 -5.61 -4.99
CA ASP B 304 33.00 -4.85 -6.07
C ASP B 304 32.24 -3.68 -5.44
N THR B 305 32.69 -2.44 -5.68
CA THR B 305 32.07 -1.25 -5.10
C THR B 305 31.30 -0.40 -6.12
N THR B 306 30.99 -0.98 -7.27
CA THR B 306 30.29 -0.26 -8.34
C THR B 306 29.00 0.39 -7.87
N TYR B 307 28.27 -0.31 -7.00
CA TYR B 307 27.04 0.24 -6.41
C TYR B 307 27.30 1.65 -5.85
N PHE B 308 28.44 1.82 -5.16
CA PHE B 308 28.80 3.10 -4.54
C PHE B 308 29.46 4.08 -5.51
N THR B 309 30.30 3.59 -6.41
CA THR B 309 31.04 4.48 -7.31
C THR B 309 30.13 5.07 -8.40
N GLU B 310 28.92 4.54 -8.54
CA GLU B 310 27.88 5.22 -9.33
C GLU B 310 27.57 6.64 -8.86
N HIS B 311 27.91 6.96 -7.60
CA HIS B 311 27.61 8.26 -7.01
C HIS B 311 28.81 8.88 -6.28
N ILE B 312 30.01 8.79 -6.84
CA ILE B 312 31.18 9.43 -6.19
C ILE B 312 31.52 10.81 -6.73
N HIS B 313 30.69 11.31 -7.64
CA HIS B 313 30.91 12.62 -8.25
C HIS B 313 30.08 13.75 -7.61
N ILE B 314 30.77 14.82 -7.18
CA ILE B 314 30.14 15.93 -6.46
C ILE B 314 29.03 16.52 -7.34
N ASP B 315 27.91 16.83 -6.72
CA ASP B 315 26.73 17.42 -7.40
C ASP B 315 25.96 16.50 -8.36
N GLN B 316 26.40 15.25 -8.52
CA GLN B 316 25.73 14.28 -9.42
C GLN B 316 24.72 13.45 -8.63
N HIS B 317 23.74 14.16 -8.07
CA HIS B 317 22.64 13.62 -7.25
C HIS B 317 21.44 14.54 -7.56
N HIS B 318 20.26 14.20 -7.04
CA HIS B 318 19.03 14.92 -7.40
C HIS B 318 18.69 16.04 -6.41
N GLY B 319 19.68 16.53 -5.68
CA GLY B 319 19.47 17.50 -4.60
C GLY B 319 19.02 18.85 -5.10
N ARG B 320 19.67 19.34 -6.15
CA ARG B 320 19.35 20.64 -6.76
C ARG B 320 17.94 20.62 -7.37
N MET B 321 17.63 19.56 -8.11
CA MET B 321 16.31 19.35 -8.68
C MET B 321 15.24 19.24 -7.58
N ALA B 322 15.55 18.51 -6.51
CA ALA B 322 14.62 18.36 -5.38
C ALA B 322 14.24 19.72 -4.81
N ARG B 323 15.23 20.61 -4.69
CA ARG B 323 15.01 21.93 -4.14
C ARG B 323 14.24 22.84 -5.11
N GLU B 324 14.62 22.82 -6.39
CA GLU B 324 14.07 23.77 -7.36
C GLU B 324 12.79 23.28 -8.03
N LYS B 325 12.68 21.97 -8.23
CA LYS B 325 11.55 21.38 -8.95
C LYS B 325 10.55 20.64 -8.07
N ILE B 326 10.89 20.39 -6.81
CA ILE B 326 9.94 19.74 -5.90
C ILE B 326 9.56 20.69 -4.77
N ILE B 327 10.52 21.11 -3.96
CA ILE B 327 10.24 21.96 -2.80
C ILE B 327 9.59 23.29 -3.20
N LYS B 328 10.21 24.00 -4.15
CA LYS B 328 9.75 25.33 -4.53
C LYS B 328 8.30 25.33 -5.08
N PRO B 329 8.01 24.50 -6.10
CA PRO B 329 6.62 24.42 -6.59
C PRO B 329 5.59 23.95 -5.54
N LEU B 330 5.97 23.06 -4.63
CA LEU B 330 5.04 22.59 -3.59
C LEU B 330 4.71 23.70 -2.58
N VAL B 331 5.71 24.47 -2.18
CA VAL B 331 5.50 25.58 -1.23
C VAL B 331 4.60 26.66 -1.87
N GLU B 332 4.83 26.92 -3.16
CA GLU B 332 4.03 27.89 -3.91
C GLU B 332 2.58 27.43 -4.03
N ALA B 333 2.39 26.16 -4.36
CA ALA B 333 1.06 25.58 -4.57
C ALA B 333 0.26 25.41 -3.27
N HIS B 334 0.92 24.90 -2.22
CA HIS B 334 0.23 24.44 -1.01
C HIS B 334 0.43 25.35 0.20
N GLY B 335 1.31 26.33 0.05
CA GLY B 335 1.50 27.38 1.06
C GLY B 335 2.65 27.12 1.99
N ASP B 336 2.95 28.12 2.81
CA ASP B 336 4.04 28.05 3.79
C ASP B 336 3.74 27.10 4.95
N GLY B 337 2.47 26.73 5.12
CA GLY B 337 2.09 25.73 6.11
C GLY B 337 2.82 24.39 5.99
N ILE B 338 3.25 24.02 4.77
CA ILE B 338 3.96 22.73 4.56
C ILE B 338 5.45 22.77 4.97
N ILE B 339 6.01 23.97 5.13
CA ILE B 339 7.45 24.13 5.35
C ILE B 339 7.93 23.41 6.63
N PRO B 340 7.21 23.56 7.76
CA PRO B 340 7.63 22.85 8.97
C PRO B 340 7.68 21.33 8.81
N GLU B 341 6.80 20.77 7.98
CA GLU B 341 6.83 19.33 7.70
C GLU B 341 8.07 18.93 6.90
N ILE B 342 8.44 19.73 5.91
CA ILE B 342 9.68 19.54 5.14
C ILE B 342 10.88 19.50 6.10
N VAL B 343 10.96 20.49 6.98
CA VAL B 343 12.05 20.58 7.97
C VAL B 343 12.00 19.39 8.94
N ARG B 344 10.80 19.00 9.36
CA ARG B 344 10.66 17.88 10.30
C ARG B 344 11.17 16.56 9.70
N GLY B 345 10.92 16.35 8.41
CA GLY B 345 11.43 15.14 7.74
C GLY B 345 12.94 15.10 7.79
N ILE B 346 13.57 16.23 7.53
CA ILE B 346 15.04 16.33 7.59
C ILE B 346 15.56 16.05 8.99
N GLU B 347 14.99 16.72 9.98
N GLU B 347 15.01 16.74 9.98
CA GLU B 347 15.47 16.62 11.35
CA GLU B 347 15.47 16.63 11.37
C GLU B 347 15.21 15.24 11.98
C GLU B 347 15.23 15.23 11.94
N GLU B 348 14.07 14.64 11.65
CA GLU B 348 13.77 13.27 12.11
C GLU B 348 14.77 12.25 11.51
N TYR B 349 15.01 12.36 10.21
CA TYR B 349 15.96 11.47 9.57
C TYR B 349 17.35 11.60 10.21
N ARG B 350 17.77 12.84 10.51
CA ARG B 350 19.09 13.04 11.12
C ARG B 350 19.20 12.40 12.50
N VAL B 351 18.12 12.44 13.27
CA VAL B 351 18.07 11.73 14.55
C VAL B 351 18.25 10.22 14.36
N LEU B 352 17.55 9.66 13.37
CA LEU B 352 17.63 8.22 13.12
C LEU B 352 19.03 7.79 12.69
N LEU B 353 19.69 8.64 11.90
CA LEU B 353 21.08 8.38 11.53
C LEU B 353 21.99 8.34 12.75
N GLU B 354 21.78 9.24 13.71
CA GLU B 354 22.58 9.27 14.95
C GLU B 354 22.40 7.98 15.73
N ILE B 355 21.16 7.54 15.83
CA ILE B 355 20.83 6.31 16.53
C ILE B 355 21.52 5.11 15.86
N GLY B 356 21.47 5.07 14.53
CA GLY B 356 22.12 4.00 13.77
C GLY B 356 23.62 3.96 13.99
N ASP B 357 24.25 5.13 13.99
CA ASP B 357 25.70 5.20 14.20
C ASP B 357 26.07 4.65 15.59
N PHE B 358 25.28 5.02 16.59
CA PHE B 358 25.51 4.54 17.95
C PHE B 358 25.29 3.04 18.05
N ASP B 359 24.14 2.58 17.57
CA ASP B 359 23.78 1.16 17.67
C ASP B 359 24.82 0.27 16.95
N PHE B 360 25.21 0.66 15.73
CA PHE B 360 26.17 -0.14 14.98
C PHE B 360 27.55 -0.15 15.66
N SER B 361 28.02 1.01 16.09
N SER B 361 28.02 1.02 16.11
CA SER B 361 29.29 1.11 16.81
CA SER B 361 29.28 1.14 16.85
C SER B 361 29.29 0.22 18.06
C SER B 361 29.30 0.23 18.08
N GLU B 362 28.20 0.26 18.83
CA GLU B 362 28.05 -0.54 20.03
C GLU B 362 28.06 -2.03 19.70
N GLN B 363 27.37 -2.40 18.62
CA GLN B 363 27.33 -3.81 18.24
C GLN B 363 28.71 -4.33 17.86
N ILE B 364 29.46 -3.56 17.07
CA ILE B 364 30.80 -3.99 16.63
C ILE B 364 31.73 -4.12 17.85
N ALA B 365 31.67 -3.14 18.75
CA ALA B 365 32.46 -3.20 19.99
C ALA B 365 32.15 -4.47 20.80
N TRP B 366 30.85 -4.77 20.90
CA TRP B 366 30.35 -5.96 21.60
C TRP B 366 30.83 -7.27 20.97
N MET B 367 30.79 -7.36 19.64
CA MET B 367 31.32 -8.52 18.92
C MET B 367 32.82 -8.65 19.16
N ASP B 368 33.56 -7.55 19.04
CA ASP B 368 35.01 -7.61 19.21
C ASP B 368 35.43 -7.97 20.63
N ALA B 369 34.61 -7.60 21.61
CA ALA B 369 34.92 -7.84 23.02
C ALA B 369 34.55 -9.23 23.55
N GLN B 370 34.01 -10.12 22.70
CA GLN B 370 33.54 -11.42 23.19
C GLN B 370 34.57 -12.18 24.03
N PRO B 371 35.84 -12.27 23.58
CA PRO B 371 36.79 -13.02 24.43
C PRO B 371 36.93 -12.42 25.84
N GLU B 372 36.99 -11.09 25.94
CA GLU B 372 37.08 -10.41 27.23
C GLU B 372 35.82 -10.58 28.05
N LEU B 373 34.66 -10.57 27.39
CA LEU B 373 33.38 -10.72 28.10
C LEU B 373 33.14 -12.16 28.56
N LYS B 374 33.74 -13.14 27.88
CA LYS B 374 33.77 -14.53 28.38
C LYS B 374 34.63 -14.62 29.65
N LYS B 375 35.77 -13.95 29.64
CA LYS B 375 36.64 -13.96 30.84
C LYS B 375 35.99 -13.19 31.98
N LEU B 376 35.28 -12.12 31.65
CA LEU B 376 34.67 -11.27 32.66
C LEU B 376 33.53 -11.96 33.42
N HIS B 377 32.99 -13.04 32.85
CA HIS B 377 32.02 -13.88 33.55
C HIS B 377 32.54 -14.30 34.93
N ASP B 378 33.81 -14.66 35.04
CA ASP B 378 34.34 -15.18 36.30
C ASP B 378 34.21 -14.18 37.46
N PRO B 379 34.77 -12.96 37.31
CA PRO B 379 34.60 -12.01 38.41
C PRO B 379 33.16 -11.53 38.64
N VAL B 380 32.34 -11.45 37.59
CA VAL B 380 30.93 -11.08 37.76
C VAL B 380 30.17 -12.17 38.53
N PHE B 381 30.39 -13.44 38.16
CA PHE B 381 29.77 -14.57 38.82
C PHE B 381 30.19 -14.63 40.30
N GLU B 382 31.48 -14.43 40.56
CA GLU B 382 32.00 -14.36 41.94
C GLU B 382 31.39 -13.21 42.75
N GLY B 383 31.24 -12.04 42.12
CA GLY B 383 30.60 -10.89 42.73
C GLY B 383 29.20 -11.18 43.23
N LEU B 384 28.44 -11.94 42.45
CA LEU B 384 27.10 -12.38 42.83
C LEU B 384 27.07 -13.20 44.14
N LYS B 385 28.16 -13.92 44.43
CA LYS B 385 28.34 -14.71 45.68
C LYS B 385 28.74 -13.88 46.90
N GLN B 386 29.55 -12.85 46.68
CA GLN B 386 29.94 -11.96 47.78
C GLN B 386 28.72 -11.26 48.36
N GLY B 387 27.70 -11.05 47.52
CA GLY B 387 26.50 -10.30 47.86
C GLY B 387 26.53 -8.86 47.37
N LYS B 388 27.23 -8.63 46.26
CA LYS B 388 27.45 -7.29 45.73
C LYS B 388 26.20 -6.78 45.00
N VAL B 389 25.64 -7.61 44.15
CA VAL B 389 24.35 -7.36 43.51
C VAL B 389 23.44 -8.53 43.90
N ASP B 390 22.22 -8.20 44.32
CA ASP B 390 21.15 -9.20 44.42
C ASP B 390 20.47 -9.23 43.06
N ALA B 391 20.65 -10.33 42.31
CA ALA B 391 20.16 -10.44 40.94
C ALA B 391 19.12 -11.55 40.78
N PRO B 392 17.95 -11.23 40.19
CA PRO B 392 17.04 -12.28 39.78
C PRO B 392 17.77 -13.32 38.91
N VAL B 393 17.42 -14.58 39.07
CA VAL B 393 18.03 -15.66 38.28
C VAL B 393 16.92 -16.47 37.62
N ALA B 394 17.13 -16.77 36.33
CA ALA B 394 16.28 -17.69 35.60
C ALA B 394 17.07 -18.97 35.39
N HIS B 395 16.48 -20.10 35.73
CA HIS B 395 17.12 -21.40 35.56
C HIS B 395 16.53 -22.10 34.33
N LEU B 396 17.37 -22.37 33.34
CA LEU B 396 16.95 -22.87 32.03
C LEU B 396 17.58 -24.21 31.74
N VAL B 397 16.82 -25.08 31.08
CA VAL B 397 17.27 -26.40 30.65
C VAL B 397 16.76 -26.60 29.23
N GLU B 398 17.66 -26.73 28.26
CA GLU B 398 17.29 -26.72 26.84
C GLU B 398 18.00 -27.85 26.09
N PRO B 399 17.28 -28.54 25.19
CA PRO B 399 17.83 -29.66 24.44
C PRO B 399 18.59 -29.22 23.20
N ARG B 400 19.40 -30.13 22.68
N ARG B 400 19.30 -30.18 22.61
CA ARG B 400 20.16 -29.93 21.43
CA ARG B 400 20.12 -29.99 21.41
C ARG B 400 19.30 -29.23 20.37
C ARG B 400 19.38 -29.36 20.23
N GLY B 401 19.87 -28.19 19.78
CA GLY B 401 19.22 -27.49 18.69
C GLY B 401 18.09 -26.54 19.05
N GLU B 402 17.82 -26.31 20.34
CA GLU B 402 16.90 -25.23 20.72
C GLU B 402 17.64 -23.92 20.46
N LEU B 403 17.33 -23.31 19.32
CA LEU B 403 18.02 -22.10 18.90
C LEU B 403 17.22 -20.90 19.37
N SER B 404 17.82 -20.14 20.28
CA SER B 404 17.23 -18.92 20.79
C SER B 404 17.47 -17.87 19.74
N ASN B 405 16.39 -17.51 19.04
CA ASN B 405 16.50 -16.55 17.94
C ASN B 405 16.94 -15.22 18.53
N THR B 406 17.64 -14.41 17.73
CA THR B 406 18.33 -13.26 18.27
C THR B 406 17.36 -12.21 18.86
N HIS B 407 17.84 -11.54 19.90
CA HIS B 407 17.05 -10.60 20.67
C HIS B 407 18.02 -9.78 21.50
N CYS B 408 17.49 -8.98 22.42
CA CYS B 408 18.33 -8.27 23.38
C CYS B 408 17.56 -8.16 24.70
N HIS B 409 18.28 -7.73 25.74
CA HIS B 409 17.70 -7.48 27.06
C HIS B 409 17.93 -6.02 27.44
N ASP B 410 17.11 -5.53 28.36
CA ASP B 410 17.13 -4.12 28.71
C ASP B 410 18.15 -3.76 29.83
N GLY B 411 18.70 -4.77 30.47
CA GLY B 411 19.81 -4.59 31.43
C GLY B 411 20.89 -5.60 31.11
N ASP B 412 22.05 -5.47 31.75
CA ASP B 412 23.13 -6.45 31.59
C ASP B 412 22.70 -7.77 32.22
N GLU B 413 23.03 -8.88 31.54
CA GLU B 413 22.71 -10.22 32.03
C GLU B 413 23.98 -11.05 32.09
N LEU B 414 24.09 -11.94 33.07
CA LEU B 414 25.17 -12.92 33.12
C LEU B 414 24.63 -14.28 32.75
N CYS B 415 25.19 -14.86 31.69
CA CYS B 415 24.87 -16.22 31.28
C CYS B 415 25.92 -17.16 31.87
N HIS B 416 25.48 -18.14 32.67
CA HIS B 416 26.37 -19.11 33.29
C HIS B 416 25.98 -20.52 32.87
N ILE B 417 26.93 -21.27 32.31
CA ILE B 417 26.68 -22.67 31.92
C ILE B 417 26.98 -23.60 33.09
N VAL B 418 25.97 -24.35 33.53
CA VAL B 418 26.14 -25.39 34.55
C VAL B 418 26.69 -26.66 33.90
N SER B 419 26.02 -27.13 32.85
CA SER B 419 26.46 -28.31 32.11
C SER B 419 26.07 -28.20 30.64
N GLY B 420 26.78 -28.95 29.79
CA GLY B 420 26.49 -28.97 28.36
C GLY B 420 27.33 -27.95 27.61
N THR B 421 26.93 -27.69 26.36
CA THR B 421 27.70 -26.83 25.43
C THR B 421 26.76 -25.89 24.68
N MET B 422 27.08 -24.60 24.69
CA MET B 422 26.27 -23.58 24.02
C MET B 422 27.12 -22.83 22.98
N ARG B 423 26.56 -22.64 21.78
CA ARG B 423 27.07 -21.65 20.86
C ARG B 423 26.39 -20.33 21.18
N PHE B 424 27.17 -19.36 21.66
CA PHE B 424 26.63 -18.06 21.98
C PHE B 424 26.95 -17.10 20.84
N GLU B 425 25.89 -16.55 20.23
CA GLU B 425 26.01 -15.77 19.01
C GLU B 425 25.87 -14.28 19.33
N SER B 426 26.83 -13.47 18.89
CA SER B 426 26.83 -12.03 19.17
C SER B 426 26.77 -11.14 17.92
N GLY B 427 26.82 -11.76 16.75
CA GLY B 427 26.83 -11.03 15.47
C GLY B 427 27.18 -11.96 14.35
N LEU B 428 27.14 -11.46 13.12
CA LEU B 428 27.48 -12.28 11.97
C LEU B 428 28.97 -12.60 12.02
N GLY B 429 29.29 -13.89 12.08
CA GLY B 429 30.70 -14.32 12.22
C GLY B 429 31.29 -14.12 13.60
N SER B 430 30.43 -13.89 14.60
CA SER B 430 30.88 -13.64 15.96
C SER B 430 30.19 -14.62 16.92
N SER B 431 30.94 -15.63 17.35
CA SER B 431 30.39 -16.73 18.15
C SER B 431 31.37 -17.12 19.25
N LEU B 432 30.83 -17.62 20.37
CA LEU B 432 31.63 -18.23 21.44
C LEU B 432 31.09 -19.62 21.70
N THR B 433 31.99 -20.56 22.05
CA THR B 433 31.59 -21.86 22.55
C THR B 433 31.72 -21.81 24.06
N LEU B 434 30.60 -22.00 24.77
CA LEU B 434 30.61 -21.96 26.22
C LEU B 434 30.37 -23.36 26.77
N GLN B 435 31.27 -23.81 27.64
CA GLN B 435 31.23 -25.13 28.28
C GLN B 435 30.91 -25.01 29.76
N ALA B 436 30.78 -26.15 30.44
CA ALA B 436 30.49 -26.18 31.88
C ALA B 436 31.41 -25.25 32.68
N GLY B 437 30.80 -24.40 33.50
CA GLY B 437 31.55 -23.49 34.37
C GLY B 437 31.96 -22.20 33.70
N GLU B 438 31.72 -22.09 32.40
CA GLU B 438 32.02 -20.88 31.63
C GLU B 438 30.75 -20.09 31.42
N GLY B 439 30.88 -18.90 30.84
CA GLY B 439 29.74 -18.08 30.54
C GLY B 439 30.18 -16.79 29.91
N VAL B 440 29.28 -15.82 29.85
CA VAL B 440 29.56 -14.56 29.21
C VAL B 440 28.70 -13.46 29.83
N VAL B 441 29.28 -12.26 29.91
CA VAL B 441 28.53 -11.06 30.28
C VAL B 441 27.78 -10.54 29.04
N ILE B 442 26.45 -10.46 29.11
CA ILE B 442 25.63 -10.01 27.98
C ILE B 442 25.24 -8.54 28.19
N LYS B 443 25.77 -7.66 27.35
CA LYS B 443 25.58 -6.23 27.52
C LYS B 443 24.19 -5.78 27.08
N ARG B 444 23.60 -4.89 27.87
N ARG B 444 23.60 -4.86 27.85
CA ARG B 444 22.26 -4.39 27.61
CA ARG B 444 22.26 -4.37 27.58
C ARG B 444 22.12 -3.84 26.16
C ARG B 444 22.11 -3.81 26.16
N ASN B 445 20.99 -4.16 25.54
CA ASN B 445 20.62 -3.71 24.18
C ASN B 445 21.43 -4.31 23.03
N ARG B 446 22.39 -5.19 23.33
CA ARG B 446 23.18 -5.83 22.28
C ARG B 446 22.49 -7.07 21.74
N LEU B 447 22.45 -7.17 20.43
CA LEU B 447 21.79 -8.27 19.73
C LEU B 447 22.60 -9.57 19.90
N HIS B 448 21.90 -10.63 20.29
CA HIS B 448 22.55 -11.91 20.55
C HIS B 448 21.54 -13.04 20.51
N GLY B 449 22.04 -14.27 20.37
CA GLY B 449 21.22 -15.47 20.46
C GLY B 449 22.09 -16.63 20.89
N ALA B 450 21.53 -17.83 20.83
CA ALA B 450 22.29 -19.02 21.20
C ALA B 450 21.72 -20.27 20.59
N ASN B 451 22.56 -21.29 20.47
CA ASN B 451 22.08 -22.63 20.13
C ASN B 451 22.73 -23.64 21.05
N ILE B 452 22.02 -24.73 21.29
CA ILE B 452 22.52 -25.78 22.17
C ILE B 452 23.22 -26.83 21.31
N GLU B 453 24.49 -27.11 21.62
CA GLU B 453 25.31 -28.03 20.84
C GLU B 453 25.53 -29.40 21.49
N SER B 454 25.12 -29.55 22.75
CA SER B 454 25.17 -30.85 23.46
C SER B 454 23.77 -31.43 23.51
N ASP B 455 23.61 -32.66 24.02
CA ASP B 455 22.28 -33.28 24.11
C ASP B 455 21.35 -32.41 24.94
N GLU B 456 21.90 -31.84 26.00
CA GLU B 456 21.16 -30.96 26.89
C GLU B 456 22.15 -29.94 27.46
N CYS B 457 21.66 -28.72 27.68
CA CYS B 457 22.46 -27.69 28.32
C CYS B 457 21.64 -27.12 29.47
N VAL B 458 22.24 -27.09 30.65
CA VAL B 458 21.66 -26.47 31.83
C VAL B 458 22.41 -25.17 32.08
N TYR B 459 21.68 -24.06 32.12
CA TYR B 459 22.32 -22.78 32.34
C TYR B 459 21.43 -21.79 33.10
N GLU B 460 22.04 -20.69 33.50
CA GLU B 460 21.39 -19.68 34.33
C GLU B 460 21.56 -18.33 33.65
N ILE B 461 20.52 -17.51 33.73
CA ILE B 461 20.62 -16.09 33.33
C ILE B 461 20.37 -15.24 34.57
N HIS B 462 21.40 -14.49 34.97
CA HIS B 462 21.30 -13.59 36.12
C HIS B 462 21.13 -12.16 35.64
N SER B 463 20.05 -11.50 36.08
CA SER B 463 19.76 -10.11 35.71
C SER B 463 20.48 -9.14 36.65
N VAL B 464 21.69 -8.75 36.25
CA VAL B 464 22.57 -7.98 37.13
C VAL B 464 22.43 -6.46 36.98
N GLY B 465 21.75 -6.01 35.92
CA GLY B 465 21.50 -4.59 35.72
C GLY B 465 22.69 -3.91 35.08
N ASP B 466 23.69 -3.59 35.92
CA ASP B 466 24.97 -3.03 35.46
C ASP B 466 26.07 -3.97 35.96
N TYR B 467 26.70 -4.71 35.04
CA TYR B 467 27.66 -5.75 35.44
C TYR B 467 28.84 -5.18 36.24
N ARG B 468 29.14 -3.90 36.05
CA ARG B 468 30.30 -3.27 36.71
C ARG B 468 30.14 -3.21 38.22
N LYS B 469 28.89 -3.21 38.70
CA LYS B 469 28.60 -3.28 40.14
C LYS B 469 28.96 -4.62 40.81
N CYS B 470 29.13 -5.67 40.00
CA CYS B 470 29.53 -6.99 40.50
C CYS B 470 31.05 -7.18 40.57
N LEU B 471 31.80 -6.23 40.03
CA LEU B 471 33.26 -6.32 39.98
C LEU B 471 33.87 -5.82 41.28
N J9Y C . -33.42 11.21 0.17
CA J9Y C . -33.43 9.77 0.49
CB J9Y C . -34.56 8.94 -0.13
C J9Y C . -32.08 9.13 0.08
O J9Y C . -31.23 9.87 -0.47
CG J9Y C . -34.47 8.99 -1.66
CD J9Y C . -35.61 8.10 -2.15
NE J9Y C . -35.27 7.63 -3.54
CZ J9Y C . -35.48 8.33 -4.69
NH1 J9Y C . -36.03 9.56 -4.68
NH2 J9Y C . -35.14 7.78 -5.84
OXT J9Y C . -31.97 7.93 0.33
C1 J9Y C . -36.29 10.37 -5.88
O1 J9Y C . -34.67 6.30 -3.64
FE FE D . -33.98 6.12 -5.79
N J9Y E . 15.39 -20.08 24.44
CA J9Y E . 14.67 -19.00 25.14
CB J9Y E . 15.37 -18.38 26.32
C J9Y E . 14.37 -17.85 24.17
O J9Y E . 13.87 -16.82 24.68
CG J9Y E . 16.83 -18.04 26.01
CD J9Y E . 17.18 -17.06 27.11
NE J9Y E . 18.25 -16.09 26.76
CZ J9Y E . 19.57 -16.30 26.47
NH1 J9Y E . 20.13 -17.51 26.41
NH2 J9Y E . 20.32 -15.23 26.20
OXT J9Y E . 14.68 -18.02 22.96
C1 J9Y E . 21.56 -17.74 26.08
O1 J9Y E . 17.79 -14.74 26.78
FE FE F . 19.25 -13.40 25.77
#